data_6KBI
#
_entry.id   6KBI
#
_cell.length_a   236.105
_cell.length_b   49.458
_cell.length_c   190.919
_cell.angle_alpha   90.00
_cell.angle_beta   125.62
_cell.angle_gamma   90.00
#
_symmetry.space_group_name_H-M   'C 1 2 1'
#
loop_
_entity.id
_entity.type
_entity.pdbx_description
1 polymer 'Receptor tyrosine-protein kinase erbB-3'
2 branched 2-acetamido-2-deoxy-beta-D-glucopyranose-(1-4)-2-acetamido-2-deoxy-beta-D-glucopyranose
3 non-polymer 2-acetamido-2-deoxy-beta-D-glucopyranose
#
_entity_poly.entity_id   1
_entity_poly.type   'polypeptide(L)'
_entity_poly.pdbx_seq_one_letter_code
;SEVGNSQAVCPGTLNGLSVTGDAENQYQTLYKLYERCEVVMGNLEIVLTGHNADLSFLQWIREVTGYVLVAMNEFSTLPL
PNLRVVRGTQVYDGKFAIFVMLNYNTNSSHALRQLRLTQLTEILSGGVYIEKNDKLCHMDTIDWRDIVRDRDAEIVVKDN
GRSCPPCHEVCKGRCWGPGSEDCQTLTKTICAPQCNGHCFGPNPNQCCHDECAGGCSGPQDTDCFACRHFNDSGACVPRC
PQPLVYNKLTFQLEPNPHTKYQYGGVCVASCPHNFVVDQTSCVRACPPDKMEVDKNGLKMCEPCGGLCPKACEGTGSGSR
FQTVDSSNIDGFVNCTKILGNLDFLITGLNGDPWHKIPALDPEKLNVFRTVREITGYLNIQSWPPHMHNFSVFSNLTTIG
GRSLYNRGFSLLIMKNLQVTSLGFRSLKEISAGRIYISANRQLCYHHSLNWTKVLRGPTEERLDIKHNRPRRDCVAEGKV
CDPLCSSGGCWGPGPGQCLSCRNYSRGGVCVTHCNFLNGEPREFAHEAECFSCHPECQPMEGTATCNGSGSDTCAQCAHF
RDGPHCVSSCPHGVLGAKGPIYKYPDVQNECRPCHENCTQGCKGPELQDCLGQTLVLIGK
;
_entity_poly.pdbx_strand_id   A,B
#
# COMPACT_ATOMS: atom_id res chain seq x y z
N ALA A 8 15.48 1.43 27.19
CA ALA A 8 14.78 1.25 25.92
C ALA A 8 15.75 0.81 24.83
N VAL A 9 17.03 0.67 25.18
CA VAL A 9 18.01 0.34 24.15
C VAL A 9 19.01 -0.67 24.68
N CYS A 10 19.57 -1.49 23.77
CA CYS A 10 20.37 -2.66 24.14
C CYS A 10 21.38 -3.11 23.06
N PRO A 11 22.42 -3.88 23.45
CA PRO A 11 23.39 -4.42 22.50
C PRO A 11 22.97 -5.76 21.84
N GLY A 12 23.57 -6.09 20.70
CA GLY A 12 23.26 -7.33 20.00
C GLY A 12 23.95 -8.55 20.56
N ARG A 36 12.77 -5.83 27.32
CA ARG A 36 11.86 -5.07 26.47
C ARG A 36 12.61 -4.02 25.63
N CYS A 37 13.79 -4.40 25.14
CA CYS A 37 14.59 -3.58 24.23
C CYS A 37 13.83 -3.02 23.01
N GLU A 38 14.15 -1.78 22.63
CA GLU A 38 13.51 -1.12 21.48
C GLU A 38 14.51 -0.83 20.36
N VAL A 39 15.74 -0.50 20.72
CA VAL A 39 16.77 -0.35 19.71
C VAL A 39 17.90 -1.35 19.97
N VAL A 40 18.21 -2.14 18.93
CA VAL A 40 19.32 -3.04 19.02
C VAL A 40 20.51 -2.35 18.41
N MET A 41 21.37 -1.90 19.31
CA MET A 41 22.61 -1.26 18.96
C MET A 41 23.60 -2.40 18.72
N GLY A 42 23.98 -2.58 17.45
CA GLY A 42 24.65 -3.78 16.95
C GLY A 42 23.79 -4.67 16.03
N ASN A 43 24.29 -5.83 15.63
CA ASN A 43 23.52 -6.70 14.75
C ASN A 43 22.70 -7.65 15.57
N LEU A 44 21.54 -7.99 15.04
CA LEU A 44 20.65 -8.97 15.65
C LEU A 44 20.88 -10.30 14.96
N GLU A 45 21.73 -11.12 15.57
CA GLU A 45 22.05 -12.43 15.02
C GLU A 45 21.30 -13.54 15.78
N ILE A 46 20.58 -14.36 15.00
CA ILE A 46 19.77 -15.47 15.49
C ILE A 46 20.16 -16.67 14.66
N VAL A 47 20.86 -17.58 15.32
CA VAL A 47 21.46 -18.72 14.66
C VAL A 47 21.34 -19.97 15.55
N LEU A 48 21.21 -21.15 14.94
CA LEU A 48 21.25 -22.43 15.66
C LEU A 48 20.20 -22.60 16.77
N THR A 49 19.10 -21.86 16.67
CA THR A 49 18.03 -21.95 17.68
C THR A 49 16.99 -23.03 17.35
N GLY A 50 16.54 -23.72 18.40
CA GLY A 50 15.63 -24.84 18.25
C GLY A 50 14.21 -24.38 18.02
N HIS A 51 13.32 -25.30 17.65
CA HIS A 51 12.01 -24.91 17.17
C HIS A 51 11.13 -24.19 18.19
N ASN A 52 11.17 -24.57 19.46
CA ASN A 52 10.29 -23.88 20.39
C ASN A 52 11.04 -23.10 21.48
N ALA A 53 12.08 -22.40 21.04
CA ALA A 53 12.70 -21.36 21.85
C ALA A 53 11.80 -20.13 21.91
N ASP A 54 11.76 -19.48 23.07
CA ASP A 54 10.97 -18.27 23.26
C ASP A 54 11.63 -17.06 22.62
N LEU A 55 10.96 -16.47 21.63
CA LEU A 55 11.57 -15.34 20.91
C LEU A 55 10.85 -14.06 21.28
N SER A 56 9.92 -14.17 22.22
CA SER A 56 9.04 -13.07 22.61
C SER A 56 9.80 -11.88 23.21
N PHE A 57 11.04 -12.08 23.65
CA PHE A 57 11.78 -10.94 24.17
C PHE A 57 12.10 -9.97 23.03
N LEU A 58 11.93 -10.42 21.79
CA LEU A 58 12.13 -9.54 20.64
C LEU A 58 10.91 -8.68 20.22
N GLN A 59 9.77 -8.82 20.88
CA GLN A 59 8.52 -8.20 20.42
C GLN A 59 8.62 -6.72 20.03
N TRP A 60 9.24 -5.94 20.90
CA TRP A 60 9.18 -4.48 20.83
C TRP A 60 10.28 -3.85 20.02
N ILE A 61 11.21 -4.66 19.53
CA ILE A 61 12.34 -4.11 18.81
C ILE A 61 11.84 -3.25 17.65
N ARG A 62 12.23 -1.98 17.67
CA ARG A 62 11.76 -1.01 16.71
C ARG A 62 12.84 -0.67 15.70
N GLU A 63 14.09 -0.71 16.13
CA GLU A 63 15.17 -0.35 15.24
C GLU A 63 16.40 -1.22 15.45
N VAL A 64 16.97 -1.66 14.34
CA VAL A 64 18.20 -2.42 14.38
C VAL A 64 19.27 -1.78 13.52
N THR A 65 20.23 -1.16 14.20
CA THR A 65 21.35 -0.51 13.56
C THR A 65 22.22 -1.60 12.98
N GLY A 66 22.67 -1.45 11.75
CA GLY A 66 23.45 -2.52 11.15
C GLY A 66 22.56 -3.63 10.57
N TYR A 67 22.75 -4.90 10.92
CA TYR A 67 21.95 -5.93 10.23
C TYR A 67 21.25 -7.02 11.07
N VAL A 68 20.33 -7.72 10.40
CA VAL A 68 19.63 -8.89 10.97
C VAL A 68 20.02 -10.17 10.24
N LEU A 69 20.57 -11.12 10.99
CA LEU A 69 20.95 -12.39 10.41
C LEU A 69 20.17 -13.53 11.05
N VAL A 70 19.46 -14.30 10.23
CA VAL A 70 18.65 -15.42 10.69
C VAL A 70 19.02 -16.67 9.90
N ALA A 71 19.82 -17.52 10.54
CA ALA A 71 20.38 -18.69 9.84
C ALA A 71 20.37 -19.95 10.68
N MET A 72 20.24 -21.11 10.03
CA MET A 72 20.35 -22.41 10.68
C MET A 72 19.39 -22.57 11.85
N ASN A 73 18.17 -22.08 11.72
CA ASN A 73 17.22 -22.20 12.81
C ASN A 73 16.04 -23.13 12.46
N GLU A 74 15.25 -23.47 13.47
CA GLU A 74 14.17 -24.44 13.30
C GLU A 74 12.80 -24.02 13.86
N PHE A 75 12.68 -22.78 14.33
CA PHE A 75 11.40 -22.25 14.81
C PHE A 75 10.51 -21.90 13.63
N SER A 76 9.21 -21.83 13.86
CA SER A 76 8.29 -21.70 12.72
C SER A 76 8.02 -20.26 12.34
N THR A 77 7.90 -19.36 13.32
CA THR A 77 7.67 -17.94 13.01
C THR A 77 8.66 -17.03 13.73
N LEU A 78 9.19 -16.05 13.00
CA LEU A 78 10.08 -15.04 13.57
C LEU A 78 9.32 -13.78 13.96
N PRO A 79 9.07 -13.60 15.26
CA PRO A 79 8.27 -12.47 15.75
C PRO A 79 9.06 -11.17 15.83
N LEU A 80 8.87 -10.31 14.83
CA LEU A 80 9.36 -8.93 14.88
C LEU A 80 8.28 -7.96 14.46
N PRO A 81 7.19 -7.89 15.25
CA PRO A 81 6.07 -7.05 14.83
C PRO A 81 6.45 -5.59 14.70
N ASN A 82 7.27 -5.07 15.61
CA ASN A 82 7.52 -3.63 15.67
C ASN A 82 8.72 -3.19 14.85
N LEU A 83 9.50 -4.13 14.34
CA LEU A 83 10.68 -3.73 13.58
C LEU A 83 10.31 -2.87 12.37
N ARG A 84 10.81 -1.65 12.36
CA ARG A 84 10.56 -0.71 11.28
C ARG A 84 11.79 -0.30 10.48
N VAL A 85 12.92 -0.13 11.18
CA VAL A 85 14.13 0.31 10.50
C VAL A 85 15.30 -0.64 10.74
N VAL A 86 16.04 -0.90 9.66
CA VAL A 86 17.31 -1.60 9.69
C VAL A 86 18.31 -0.72 8.95
N ARG A 87 19.30 -0.20 9.67
CA ARG A 87 20.14 0.88 9.12
C ARG A 87 21.26 0.35 8.23
N GLY A 88 21.74 -0.85 8.57
CA GLY A 88 22.83 -1.47 7.85
C GLY A 88 24.11 -0.67 8.03
N THR A 89 24.27 -0.07 9.21
CA THR A 89 25.51 0.63 9.55
C THR A 89 26.67 -0.38 9.53
N GLN A 90 26.36 -1.64 9.85
CA GLN A 90 27.23 -2.77 9.53
C GLN A 90 26.38 -3.73 8.68
N VAL A 91 27.00 -4.37 7.68
CA VAL A 91 26.26 -5.21 6.72
C VAL A 91 26.82 -6.62 6.61
N TYR A 92 25.98 -7.57 6.19
CA TYR A 92 26.39 -8.95 6.14
C TYR A 92 26.85 -9.33 4.73
N ASP A 93 27.97 -10.05 4.65
CA ASP A 93 28.52 -10.60 3.40
C ASP A 93 28.85 -9.48 2.43
N GLY A 94 29.06 -8.29 2.97
CA GLY A 94 29.40 -7.13 2.17
C GLY A 94 28.19 -6.48 1.50
N LYS A 95 27.04 -7.15 1.55
CA LYS A 95 25.88 -6.68 0.77
C LYS A 95 24.51 -6.67 1.44
N PHE A 96 24.34 -7.23 2.63
CA PHE A 96 22.98 -7.49 3.11
C PHE A 96 22.61 -6.97 4.49
N ALA A 97 21.49 -6.26 4.58
CA ALA A 97 20.99 -5.83 5.87
C ALA A 97 20.07 -6.90 6.44
N ILE A 98 19.46 -7.67 5.55
CA ILE A 98 18.70 -8.85 5.97
C ILE A 98 19.35 -10.08 5.37
N PHE A 99 19.61 -11.08 6.18
CA PHE A 99 20.19 -12.31 5.66
C PHE A 99 19.45 -13.48 6.31
N VAL A 100 18.57 -14.13 5.56
CA VAL A 100 17.81 -15.26 6.10
C VAL A 100 18.04 -16.52 5.27
N MET A 101 18.79 -17.47 5.82
CA MET A 101 19.29 -18.60 5.04
C MET A 101 19.16 -19.95 5.75
N LEU A 102 18.68 -20.97 5.02
CA LEU A 102 18.71 -22.36 5.49
C LEU A 102 18.04 -22.62 6.83
N ASN A 103 16.77 -22.27 6.95
CA ASN A 103 16.09 -22.46 8.22
C ASN A 103 15.09 -23.63 8.19
N TYR A 104 15.60 -24.83 7.90
CA TYR A 104 14.78 -26.04 7.89
C TYR A 104 15.55 -27.31 8.18
N ASN A 105 14.98 -28.15 9.04
CA ASN A 105 15.55 -29.46 9.30
C ASN A 105 15.14 -30.46 8.23
N THR A 106 16.06 -31.32 7.81
CA THR A 106 15.64 -32.35 6.86
C THR A 106 14.88 -33.52 7.52
N ASN A 107 15.43 -34.27 8.48
CA ASN A 107 14.61 -35.44 8.86
C ASN A 107 13.48 -35.12 9.89
N SER A 108 13.25 -33.84 10.19
CA SER A 108 11.97 -33.48 10.83
C SER A 108 11.28 -32.40 10.00
N SER A 109 10.09 -31.95 10.43
CA SER A 109 9.42 -30.91 9.68
C SER A 109 9.39 -29.60 10.44
N HIS A 110 10.50 -29.31 11.08
CA HIS A 110 10.68 -28.07 11.81
C HIS A 110 11.34 -27.10 10.84
N ALA A 111 10.73 -25.94 10.63
CA ALA A 111 11.21 -25.00 9.61
C ALA A 111 10.63 -23.61 9.79
N LEU A 112 11.29 -22.63 9.16
CA LEU A 112 10.87 -21.25 9.28
C LEU A 112 9.82 -20.94 8.23
N ARG A 113 8.60 -20.70 8.70
CA ARG A 113 7.48 -20.57 7.79
C ARG A 113 7.07 -19.13 7.47
N GLN A 114 7.21 -18.25 8.45
CA GLN A 114 6.80 -16.86 8.30
C GLN A 114 7.84 -15.90 8.87
N LEU A 115 8.17 -14.86 8.11
CA LEU A 115 8.86 -13.70 8.66
C LEU A 115 7.84 -12.62 9.00
N ARG A 116 7.46 -12.52 10.27
CA ARG A 116 6.47 -11.53 10.63
C ARG A 116 7.09 -10.17 10.78
N LEU A 117 7.51 -9.62 9.65
CA LEU A 117 8.06 -8.26 9.60
C LEU A 117 7.04 -7.22 9.16
N THR A 118 5.88 -7.22 9.84
CA THR A 118 4.66 -6.48 9.45
C THR A 118 4.78 -4.95 9.35
N GLN A 119 5.75 -4.37 10.04
CA GLN A 119 5.93 -2.92 10.10
C GLN A 119 7.22 -2.47 9.43
N LEU A 120 7.94 -3.40 8.81
CA LEU A 120 9.23 -3.08 8.23
C LEU A 120 9.08 -1.97 7.20
N THR A 121 9.41 -0.75 7.59
CA THR A 121 9.20 0.41 6.72
C THR A 121 10.37 0.68 5.78
N GLU A 122 11.61 0.67 6.31
CA GLU A 122 12.80 0.84 5.46
C GLU A 122 14.15 0.25 5.94
N ILE A 123 15.07 0.18 4.98
CA ILE A 123 16.38 -0.42 5.16
C ILE A 123 17.41 0.55 4.58
N LEU A 124 18.06 1.30 5.48
CA LEU A 124 18.78 2.51 5.09
C LEU A 124 19.99 2.26 4.21
N SER A 125 20.70 1.16 4.48
CA SER A 125 21.88 0.76 3.70
C SER A 125 21.92 -0.76 3.56
N GLY A 126 22.38 -1.21 2.39
CA GLY A 126 22.45 -2.63 2.10
C GLY A 126 21.19 -3.26 1.50
N GLY A 127 21.30 -4.55 1.16
CA GLY A 127 20.23 -5.25 0.48
C GLY A 127 19.62 -6.37 1.31
N VAL A 128 19.00 -7.32 0.61
CA VAL A 128 18.19 -8.36 1.24
C VAL A 128 18.53 -9.72 0.65
N TYR A 129 18.85 -10.68 1.51
CA TYR A 129 19.18 -12.02 1.05
C TYR A 129 18.28 -13.03 1.75
N ILE A 130 17.31 -13.58 1.03
CA ILE A 130 16.50 -14.67 1.57
C ILE A 130 16.52 -15.83 0.59
N GLU A 131 17.28 -16.88 0.91
CA GLU A 131 17.44 -18.02 0.01
C GLU A 131 17.46 -19.32 0.81
N LYS A 132 17.21 -20.45 0.16
CA LYS A 132 17.33 -21.76 0.80
C LYS A 132 16.49 -21.99 2.05
N ASN A 133 15.31 -21.37 2.08
CA ASN A 133 14.45 -21.61 3.20
C ASN A 133 13.25 -22.44 2.77
N ASP A 134 13.33 -23.74 3.02
CA ASP A 134 12.48 -24.70 2.33
C ASP A 134 11.01 -24.50 2.58
N LYS A 135 10.68 -24.03 3.78
CA LYS A 135 9.29 -23.85 4.13
C LYS A 135 8.86 -22.37 4.32
N LEU A 136 9.70 -21.43 3.87
CA LEU A 136 9.37 -20.01 4.04
C LEU A 136 8.47 -19.51 2.93
N CYS A 137 7.31 -18.97 3.31
CA CYS A 137 6.37 -18.50 2.30
C CYS A 137 6.36 -16.98 2.11
N HIS A 138 5.77 -16.55 0.99
CA HIS A 138 5.41 -15.16 0.73
C HIS A 138 6.55 -14.16 0.47
N MET A 139 7.80 -14.58 0.53
CA MET A 139 8.88 -13.62 0.30
C MET A 139 8.98 -13.19 -1.17
N ASP A 140 8.28 -13.90 -2.05
CA ASP A 140 8.23 -13.54 -3.47
C ASP A 140 7.12 -12.52 -3.76
N THR A 141 6.31 -12.24 -2.75
CA THR A 141 5.22 -11.29 -2.88
C THR A 141 5.64 -9.86 -2.54
N ILE A 142 6.59 -9.72 -1.63
CA ILE A 142 7.06 -8.41 -1.15
C ILE A 142 7.79 -7.57 -2.20
N ASP A 143 7.44 -6.28 -2.26
CA ASP A 143 8.23 -5.32 -3.03
C ASP A 143 9.43 -4.83 -2.21
N TRP A 144 10.53 -5.58 -2.22
CA TRP A 144 11.72 -5.21 -1.44
C TRP A 144 12.32 -3.88 -1.88
N ARG A 145 12.18 -3.54 -3.16
CA ARG A 145 12.70 -2.28 -3.69
C ARG A 145 11.96 -1.06 -3.12
N ASP A 146 10.83 -1.31 -2.43
CA ASP A 146 10.05 -0.25 -1.78
C ASP A 146 10.57 -0.02 -0.36
N ILE A 147 11.16 -1.07 0.20
CA ILE A 147 11.69 -1.01 1.54
C ILE A 147 13.16 -0.55 1.52
N VAL A 148 13.83 -0.88 0.42
CA VAL A 148 15.24 -0.61 0.26
C VAL A 148 15.54 0.83 -0.15
N ARG A 149 16.41 1.48 0.62
CA ARG A 149 16.72 2.87 0.39
C ARG A 149 17.85 3.05 -0.64
N ASP A 150 18.64 1.99 -0.85
CA ASP A 150 19.80 2.04 -1.75
C ASP A 150 19.41 1.55 -3.13
N ARG A 151 19.57 2.39 -4.15
CA ARG A 151 19.06 2.00 -5.46
C ARG A 151 19.99 1.01 -6.15
N ASP A 152 21.21 0.89 -5.64
CA ASP A 152 22.13 -0.12 -6.16
C ASP A 152 22.24 -1.38 -5.29
N ALA A 153 21.40 -1.50 -4.27
CA ALA A 153 21.46 -2.63 -3.33
C ALA A 153 21.06 -3.95 -3.97
N GLU A 154 21.56 -5.05 -3.41
CA GLU A 154 21.28 -6.37 -3.92
C GLU A 154 20.04 -7.00 -3.26
N ILE A 155 19.10 -7.43 -4.09
CA ILE A 155 17.98 -8.25 -3.59
C ILE A 155 18.05 -9.63 -4.20
N VAL A 156 18.14 -10.62 -3.33
CA VAL A 156 18.22 -12.01 -3.72
C VAL A 156 17.23 -12.80 -2.90
N VAL A 157 16.07 -13.05 -3.50
CA VAL A 157 15.06 -13.90 -2.88
C VAL A 157 14.81 -15.04 -3.87
N LYS A 158 14.94 -16.27 -3.40
CA LYS A 158 14.99 -17.40 -4.30
C LYS A 158 14.97 -18.71 -3.51
N ASP A 159 14.49 -19.77 -4.16
CA ASP A 159 14.52 -21.12 -3.62
C ASP A 159 14.01 -21.24 -2.18
N ASN A 160 12.75 -20.88 -1.95
CA ASN A 160 12.14 -21.01 -0.63
C ASN A 160 10.89 -21.88 -0.67
N GLY A 161 9.83 -21.44 0.02
CA GLY A 161 8.59 -22.21 0.13
C GLY A 161 8.03 -22.42 -1.26
N ARG A 162 7.20 -23.44 -1.44
CA ARG A 162 6.84 -23.84 -2.80
C ARG A 162 5.33 -23.84 -3.05
N SER A 163 4.57 -24.59 -2.25
CA SER A 163 3.13 -24.49 -2.40
C SER A 163 2.64 -23.59 -1.27
N CYS A 164 2.83 -22.29 -1.47
CA CYS A 164 2.48 -21.31 -0.47
C CYS A 164 1.09 -20.79 -0.69
N PRO A 165 0.33 -20.59 0.41
CA PRO A 165 -1.01 -19.98 0.30
C PRO A 165 -0.93 -18.60 -0.32
N PRO A 166 -2.03 -18.13 -0.91
CA PRO A 166 -1.96 -16.79 -1.50
C PRO A 166 -2.24 -15.72 -0.44
N CYS A 167 -1.90 -14.47 -0.74
CA CYS A 167 -2.17 -13.34 0.16
C CYS A 167 -3.67 -13.11 0.31
N HIS A 168 -4.10 -12.60 1.46
CA HIS A 168 -5.49 -12.22 1.66
C HIS A 168 -5.79 -11.19 0.57
N GLU A 169 -7.06 -11.08 0.16
CA GLU A 169 -7.40 -10.19 -0.95
C GLU A 169 -7.02 -8.75 -0.62
N VAL A 170 -7.15 -8.39 0.66
CA VAL A 170 -6.87 -7.04 1.12
C VAL A 170 -5.48 -6.59 0.79
N CYS A 171 -4.50 -7.49 0.94
CA CYS A 171 -3.09 -7.13 0.91
C CYS A 171 -2.59 -6.71 -0.48
N LYS A 172 -3.45 -6.86 -1.49
CA LYS A 172 -3.17 -6.41 -2.86
C LYS A 172 -1.93 -7.05 -3.43
N GLY A 173 -1.74 -8.33 -3.13
CA GLY A 173 -0.61 -9.10 -3.62
C GLY A 173 0.73 -9.01 -2.87
N ARG A 174 0.71 -8.41 -1.68
CA ARG A 174 1.94 -8.17 -0.90
C ARG A 174 1.70 -8.53 0.55
N CYS A 175 2.33 -9.60 1.03
CA CYS A 175 2.10 -10.04 2.41
C CYS A 175 3.29 -10.76 3.06
N TRP A 176 3.36 -10.66 4.39
CA TRP A 176 4.35 -11.40 5.18
C TRP A 176 3.71 -12.64 5.76
N GLY A 177 2.47 -12.91 5.33
CA GLY A 177 1.71 -14.03 5.86
C GLY A 177 0.37 -14.20 5.18
N PRO A 178 -0.42 -15.19 5.63
CA PRO A 178 -1.67 -15.50 4.94
C PRO A 178 -2.82 -14.60 5.38
N GLY A 179 -2.75 -14.11 6.61
CA GLY A 179 -3.86 -13.39 7.21
C GLY A 179 -4.10 -12.02 6.59
N SER A 180 -5.27 -11.48 6.92
CA SER A 180 -5.72 -10.17 6.44
C SER A 180 -4.89 -9.06 7.11
N GLU A 181 -4.28 -9.42 8.23
CA GLU A 181 -3.55 -8.50 9.09
C GLU A 181 -2.05 -8.51 8.75
N ASP A 182 -1.66 -9.33 7.79
CA ASP A 182 -0.26 -9.49 7.41
C ASP A 182 0.17 -8.81 6.11
N CYS A 183 -0.32 -7.62 5.81
CA CYS A 183 -0.06 -7.06 4.49
C CYS A 183 1.23 -6.26 4.46
N GLN A 184 1.86 -6.22 3.28
CA GLN A 184 2.88 -5.22 3.04
C GLN A 184 2.12 -4.03 2.52
N THR A 185 2.37 -2.87 3.12
CA THR A 185 1.79 -1.62 2.66
C THR A 185 2.92 -0.78 2.10
N LEU A 186 2.73 -0.24 0.91
CA LEU A 186 3.82 0.47 0.25
C LEU A 186 4.24 1.67 1.09
N THR A 187 5.41 2.21 0.81
CA THR A 187 5.86 3.38 1.56
C THR A 187 6.35 4.50 0.67
N LYS A 188 7.15 4.14 -0.33
CA LYS A 188 7.82 5.13 -1.15
C LYS A 188 6.80 5.85 -2.03
N THR A 189 7.11 7.10 -2.33
CA THR A 189 6.29 7.91 -3.20
C THR A 189 7.22 8.66 -4.14
N ILE A 190 6.84 8.77 -5.41
CA ILE A 190 7.65 9.56 -6.34
C ILE A 190 7.69 10.97 -5.77
N CYS A 191 8.85 11.63 -5.80
CA CYS A 191 9.00 12.89 -5.06
C CYS A 191 9.37 14.14 -5.84
N ALA A 192 8.73 15.24 -5.45
CA ALA A 192 9.03 16.55 -5.99
C ALA A 192 10.50 16.82 -5.73
N PRO A 193 11.23 17.24 -6.78
CA PRO A 193 12.70 17.38 -6.75
C PRO A 193 13.24 18.31 -5.67
N GLN A 194 12.42 19.23 -5.16
CA GLN A 194 12.87 20.06 -4.04
C GLN A 194 13.18 19.10 -2.87
N CYS A 195 12.37 18.05 -2.76
CA CYS A 195 12.63 17.00 -1.80
C CYS A 195 13.51 16.08 -2.61
N ASN A 196 14.74 15.76 -2.21
CA ASN A 196 15.45 14.77 -3.04
C ASN A 196 15.58 13.43 -2.33
N GLY A 197 14.48 12.67 -2.40
CA GLY A 197 14.36 11.34 -1.86
C GLY A 197 13.69 11.33 -0.50
N HIS A 198 13.58 12.50 0.13
CA HIS A 198 13.02 12.55 1.48
C HIS A 198 11.71 13.35 1.53
N CYS A 199 10.61 12.59 1.62
CA CYS A 199 9.24 13.04 1.36
C CYS A 199 8.19 12.16 2.04
N PHE A 200 7.06 12.75 2.41
CA PHE A 200 5.93 11.97 2.93
C PHE A 200 4.71 12.07 2.02
N GLY A 201 4.95 12.59 0.81
CA GLY A 201 3.93 12.72 -0.19
C GLY A 201 4.50 13.17 -1.51
N PRO A 202 3.65 13.33 -2.54
CA PRO A 202 4.15 13.76 -3.85
C PRO A 202 4.27 15.27 -3.92
N ASN A 203 3.61 16.02 -3.03
CA ASN A 203 3.68 17.47 -3.16
C ASN A 203 5.03 18.03 -2.76
N PRO A 204 5.37 19.18 -3.38
CA PRO A 204 6.56 19.91 -2.97
C PRO A 204 6.33 20.40 -1.53
N ASN A 205 5.06 20.52 -1.16
CA ASN A 205 4.62 20.88 0.18
C ASN A 205 5.13 19.84 1.21
N GLN A 206 5.31 18.58 0.79
CA GLN A 206 5.47 17.46 1.73
C GLN A 206 6.90 16.86 1.86
N CYS A 207 7.90 17.72 2.09
CA CYS A 207 9.26 17.27 2.33
C CYS A 207 9.44 16.76 3.75
N CYS A 208 10.38 15.82 3.88
CA CYS A 208 10.76 15.29 5.18
C CYS A 208 11.70 16.26 5.90
N HIS A 209 11.66 16.26 7.22
CA HIS A 209 12.58 17.12 7.97
C HIS A 209 14.01 16.68 7.66
N ASP A 210 14.93 17.64 7.58
CA ASP A 210 16.30 17.35 7.16
C ASP A 210 17.01 16.32 8.06
N GLU A 211 16.60 16.23 9.32
CA GLU A 211 17.18 15.27 10.26
C GLU A 211 16.62 13.85 10.09
N CYS A 212 16.15 13.54 8.88
CA CYS A 212 15.53 12.25 8.64
C CYS A 212 16.41 11.32 7.82
N ALA A 213 16.56 10.09 8.27
CA ALA A 213 17.49 9.21 7.59
C ALA A 213 16.86 8.68 6.33
N GLY A 214 15.56 8.39 6.41
CA GLY A 214 14.83 7.85 5.29
C GLY A 214 13.61 8.71 5.02
N GLY A 215 12.45 8.18 5.38
CA GLY A 215 11.20 8.85 5.11
C GLY A 215 10.52 9.32 6.37
N CYS A 216 9.32 9.84 6.20
CA CYS A 216 8.57 10.38 7.32
C CYS A 216 7.06 10.33 7.10
N SER A 217 6.34 10.64 8.17
CA SER A 217 4.89 10.68 8.16
C SER A 217 4.39 12.12 8.38
N GLY A 218 5.15 13.09 7.90
CA GLY A 218 4.90 14.49 8.18
C GLY A 218 6.21 15.25 8.20
N PRO A 219 6.14 16.59 8.16
CA PRO A 219 7.34 17.40 7.87
C PRO A 219 8.25 17.69 9.09
N GLN A 220 7.86 17.20 10.26
CA GLN A 220 8.46 17.56 11.55
C GLN A 220 9.62 16.66 12.02
N ASP A 221 10.23 17.05 13.13
CA ASP A 221 11.29 16.26 13.76
C ASP A 221 10.78 14.97 14.31
N THR A 222 9.49 14.97 14.66
CA THR A 222 8.94 13.81 15.33
C THR A 222 8.32 12.84 14.33
N ASP A 223 8.29 13.24 13.07
CA ASP A 223 7.58 12.41 12.08
C ASP A 223 8.47 11.48 11.28
N CYS A 224 9.72 11.32 11.70
CA CYS A 224 10.71 10.50 10.99
C CYS A 224 10.50 9.01 11.20
N PHE A 225 10.95 8.22 10.24
CA PHE A 225 11.02 6.78 10.43
C PHE A 225 12.26 6.42 11.24
N ALA A 226 13.37 7.10 10.91
CA ALA A 226 14.64 6.92 11.60
C ALA A 226 15.47 8.21 11.54
N CYS A 227 16.31 8.38 12.55
CA CYS A 227 17.03 9.63 12.74
C CYS A 227 18.35 9.60 11.97
N ARG A 228 18.68 10.67 11.25
CA ARG A 228 19.92 10.69 10.48
C ARG A 228 21.13 10.73 11.41
N HIS A 229 21.00 11.44 12.52
CA HIS A 229 22.07 11.53 13.50
C HIS A 229 21.58 11.05 14.88
N PHE A 230 20.93 11.91 15.66
CA PHE A 230 20.55 11.46 17.00
C PHE A 230 19.06 11.61 17.32
N ASN A 231 18.57 10.86 18.31
CA ASN A 231 17.17 10.89 18.65
C ASN A 231 17.00 11.26 20.12
N ASP A 232 16.43 12.44 20.40
CA ASP A 232 16.21 12.87 21.79
C ASP A 232 14.74 12.79 22.15
N SER A 233 14.40 11.73 22.88
CA SER A 233 13.05 11.55 23.42
C SER A 233 11.95 11.70 22.34
N GLY A 234 12.24 11.25 21.14
CA GLY A 234 11.31 11.33 20.02
C GLY A 234 11.67 12.30 18.90
N ALA A 235 12.59 13.23 19.15
CA ALA A 235 12.94 14.19 18.10
C ALA A 235 14.26 13.87 17.40
N CYS A 236 14.27 13.85 16.07
CA CYS A 236 15.54 13.71 15.36
C CYS A 236 16.30 15.01 15.38
N VAL A 237 17.40 14.99 16.10
CA VAL A 237 18.22 16.16 16.34
C VAL A 237 19.61 15.92 15.78
N PRO A 238 20.32 16.99 15.45
CA PRO A 238 21.66 16.79 14.88
C PRO A 238 22.71 16.48 15.95
N ARG A 239 22.52 16.94 17.19
CA ARG A 239 23.30 16.49 18.36
C ARG A 239 22.47 16.60 19.65
N CYS A 240 22.96 15.99 20.73
CA CYS A 240 22.20 15.90 21.99
C CYS A 240 22.32 17.17 22.85
N PRO A 241 21.40 17.35 23.84
CA PRO A 241 21.47 18.52 24.72
C PRO A 241 22.84 18.68 25.37
N GLN A 242 23.44 19.83 25.11
CA GLN A 242 24.83 20.12 25.39
C GLN A 242 25.18 20.07 26.89
N PRO A 243 26.48 19.84 27.20
CA PRO A 243 26.94 19.78 28.59
C PRO A 243 26.92 21.15 29.26
N LEU A 244 27.07 22.19 28.45
CA LEU A 244 27.10 23.56 28.95
C LEU A 244 26.12 24.51 28.24
N VAL A 245 25.47 25.38 29.00
CA VAL A 245 24.50 26.31 28.43
C VAL A 245 24.88 27.76 28.76
N TYR A 246 24.95 28.62 27.76
CA TYR A 246 25.21 30.04 27.97
C TYR A 246 24.12 30.64 28.87
N ASN A 247 24.54 31.40 29.91
CA ASN A 247 23.72 32.14 30.92
C ASN A 247 23.95 33.67 30.97
N LYS A 248 23.13 34.56 30.43
CA LYS A 248 23.60 35.94 30.49
C LYS A 248 22.91 36.83 31.53
N LEU A 249 22.67 36.26 32.69
CA LEU A 249 22.96 37.08 33.83
C LEU A 249 24.49 37.03 34.22
N THR A 250 25.24 36.02 33.75
CA THR A 250 26.63 35.97 34.19
C THR A 250 27.63 36.02 33.00
N PHE A 251 27.14 35.89 31.78
CA PHE A 251 27.99 36.11 30.63
C PHE A 251 29.10 35.01 30.59
N GLN A 252 28.72 33.79 31.05
CA GLN A 252 29.59 32.58 31.18
C GLN A 252 28.81 31.32 30.69
N LEU A 253 29.48 30.21 30.34
CA LEU A 253 28.78 28.90 30.11
C LEU A 253 28.66 28.09 31.38
N GLU A 254 27.56 27.33 31.51
CA GLU A 254 27.20 26.57 32.75
C GLU A 254 26.79 25.12 32.69
N PRO A 255 26.85 24.45 33.86
CA PRO A 255 26.28 23.10 33.88
C PRO A 255 24.80 23.18 33.52
N ASN A 256 24.37 22.23 32.70
CA ASN A 256 23.00 22.20 32.20
C ASN A 256 22.23 21.06 32.81
N PRO A 257 21.18 21.37 33.59
CA PRO A 257 20.39 20.28 34.18
C PRO A 257 19.57 19.54 33.10
N HIS A 258 19.51 20.08 31.89
CA HIS A 258 18.79 19.43 30.79
C HIS A 258 19.76 18.73 29.84
N THR A 259 20.96 18.46 30.32
CA THR A 259 22.00 17.81 29.50
C THR A 259 21.73 16.30 29.38
N LYS A 260 22.14 15.73 28.25
CA LYS A 260 22.02 14.29 27.99
C LYS A 260 23.25 13.80 27.20
N TYR A 261 23.58 12.51 27.31
CA TYR A 261 24.76 11.98 26.61
C TYR A 261 24.43 10.95 25.52
N GLN A 262 25.41 10.70 24.64
CA GLN A 262 25.24 9.90 23.43
C GLN A 262 25.36 8.40 23.62
N TYR A 263 24.29 7.68 23.31
CA TYR A 263 24.40 6.23 23.20
C TYR A 263 24.16 5.77 21.76
N GLY A 264 25.22 5.72 20.95
CA GLY A 264 25.03 5.41 19.54
C GLY A 264 24.26 6.54 18.91
N GLY A 265 22.94 6.35 18.80
CA GLY A 265 22.03 7.37 18.30
C GLY A 265 20.96 7.82 19.29
N VAL A 266 20.94 7.25 20.49
CA VAL A 266 19.95 7.61 21.52
C VAL A 266 20.53 8.54 22.61
N CYS A 267 20.00 9.75 22.69
CA CYS A 267 20.33 10.66 23.79
C CYS A 267 19.70 10.15 25.09
N VAL A 268 20.52 9.91 26.10
CA VAL A 268 20.00 9.42 27.37
C VAL A 268 20.38 10.31 28.55
N ALA A 269 19.58 10.23 29.61
CA ALA A 269 19.84 11.00 30.82
C ALA A 269 21.00 10.38 31.58
N SER A 270 21.04 9.05 31.61
CA SER A 270 22.14 8.35 32.25
C SER A 270 22.67 7.24 31.37
N CYS A 271 23.97 6.98 31.45
CA CYS A 271 24.56 5.92 30.65
C CYS A 271 24.13 4.58 31.24
N PRO A 272 24.09 3.51 30.40
CA PRO A 272 23.86 2.11 30.78
C PRO A 272 24.77 1.75 31.97
N HIS A 273 24.42 0.78 32.79
CA HIS A 273 24.94 0.77 34.17
C HIS A 273 26.45 0.75 34.44
N ASN A 274 27.24 0.18 33.53
CA ASN A 274 28.68 0.32 33.65
C ASN A 274 29.33 0.78 32.36
N PHE A 275 28.59 1.54 31.56
CA PHE A 275 29.22 2.43 30.59
C PHE A 275 29.63 3.61 31.44
N VAL A 276 30.42 4.49 30.86
CA VAL A 276 30.90 5.67 31.56
C VAL A 276 30.90 6.74 30.50
N VAL A 277 30.99 8.00 30.92
CA VAL A 277 30.87 9.07 29.94
C VAL A 277 32.26 9.62 29.63
N ASP A 278 32.59 9.58 28.34
CA ASP A 278 33.76 10.24 27.78
C ASP A 278 33.31 11.36 26.86
N GLN A 279 33.70 12.59 27.20
CA GLN A 279 33.22 13.77 26.49
C GLN A 279 31.72 13.81 26.72
N THR A 280 30.98 13.89 25.62
CA THR A 280 29.51 13.87 25.62
C THR A 280 28.95 12.47 25.35
N SER A 281 29.83 11.49 25.10
CA SER A 281 29.42 10.16 24.64
C SER A 281 29.47 9.11 25.73
N CYS A 282 28.64 8.08 25.59
CA CYS A 282 28.75 6.89 26.41
C CYS A 282 29.69 5.86 25.77
N VAL A 283 30.66 5.36 26.55
CA VAL A 283 31.59 4.34 26.07
C VAL A 283 31.71 3.37 27.24
N ARG A 284 32.07 2.11 27.01
CA ARG A 284 32.18 1.17 28.13
C ARG A 284 33.55 1.27 28.83
N ALA A 285 34.55 1.83 28.14
CA ALA A 285 35.83 2.10 28.79
C ALA A 285 36.55 3.29 28.15
N CYS A 286 37.32 4.00 28.98
CA CYS A 286 37.93 5.25 28.58
C CYS A 286 38.97 5.03 27.48
N PRO A 287 39.23 6.04 26.67
CA PRO A 287 40.30 5.82 25.69
C PRO A 287 41.64 5.75 26.39
N PRO A 288 42.73 5.47 25.64
CA PRO A 288 43.96 5.74 26.39
C PRO A 288 44.01 7.25 26.63
N ASP A 289 44.84 7.70 27.55
CA ASP A 289 45.02 9.12 27.89
C ASP A 289 44.00 9.59 28.94
N LYS A 290 43.01 8.79 29.29
CA LYS A 290 42.19 9.24 30.41
C LYS A 290 41.64 8.19 31.36
N MET A 291 41.08 8.69 32.46
CA MET A 291 40.75 7.81 33.58
C MET A 291 39.39 8.09 34.21
N GLU A 292 38.82 7.02 34.76
CA GLU A 292 37.50 7.06 35.39
C GLU A 292 37.51 7.83 36.71
N VAL A 293 37.00 9.05 36.70
CA VAL A 293 36.86 9.77 37.95
C VAL A 293 35.44 9.58 38.41
N ASP A 294 35.27 9.40 39.73
CA ASP A 294 33.93 9.36 40.26
C ASP A 294 33.77 10.76 40.86
N LYS A 295 32.88 11.46 40.19
CA LYS A 295 32.54 12.84 40.37
C LYS A 295 31.09 12.79 40.80
N ASN A 296 30.51 13.95 41.10
CA ASN A 296 29.06 14.16 41.23
C ASN A 296 28.14 12.95 41.59
N GLY A 297 28.72 11.77 41.77
CA GLY A 297 28.00 10.51 41.95
C GLY A 297 27.66 9.91 40.60
N LEU A 298 28.17 10.54 39.54
CA LEU A 298 28.14 9.88 38.23
C LEU A 298 29.47 9.90 37.45
N LYS A 299 29.93 8.69 37.22
CA LYS A 299 31.12 8.26 36.48
C LYS A 299 31.55 9.06 35.22
N MET A 300 32.70 9.74 35.22
CA MET A 300 33.15 10.37 33.96
C MET A 300 34.60 10.07 33.64
N CYS A 301 35.07 10.53 32.48
CA CYS A 301 36.44 10.31 32.06
C CYS A 301 37.22 11.60 31.93
N GLU A 302 38.25 11.75 32.78
CA GLU A 302 39.05 12.97 32.78
C GLU A 302 40.45 12.74 32.23
N PRO A 303 40.97 13.72 31.46
CA PRO A 303 42.31 13.65 30.89
C PRO A 303 43.37 13.70 31.98
N CYS A 304 44.40 12.88 31.81
CA CYS A 304 45.44 12.68 32.80
C CYS A 304 46.50 13.78 32.88
N GLY A 305 47.07 14.11 31.73
CA GLY A 305 48.13 15.09 31.64
C GLY A 305 49.28 14.31 31.06
N GLY A 306 50.24 13.95 31.93
CA GLY A 306 51.37 13.13 31.54
C GLY A 306 50.86 11.75 31.16
N LEU A 307 50.90 10.82 32.11
CA LEU A 307 50.26 9.51 31.91
C LEU A 307 49.35 9.09 33.10
N CYS A 308 48.64 8.00 32.87
CA CYS A 308 47.57 7.54 33.73
C CYS A 308 48.04 6.46 34.72
N PRO A 309 47.59 6.56 35.98
CA PRO A 309 47.93 5.69 37.10
C PRO A 309 48.10 4.20 36.77
N LYS A 310 49.35 3.75 36.67
CA LYS A 310 49.67 2.32 36.60
C LYS A 310 50.44 1.87 37.84
N ALA A 311 49.94 0.86 38.53
CA ALA A 311 50.65 0.28 39.67
C ALA A 311 51.41 -0.98 39.30
N CYS A 312 52.63 -1.13 39.82
CA CYS A 312 53.45 -2.34 39.58
C CYS A 312 53.89 -2.89 40.93
N GLU A 313 54.11 -4.20 41.03
CA GLU A 313 54.64 -4.71 42.29
C GLU A 313 56.15 -4.46 42.31
N GLY A 314 56.67 -4.20 43.51
CA GLY A 314 58.05 -3.82 43.68
C GLY A 314 59.01 -4.98 43.86
N THR A 315 60.03 -4.75 44.68
CA THR A 315 61.15 -5.66 44.87
C THR A 315 61.24 -5.99 46.37
N GLY A 316 61.79 -7.15 46.72
CA GLY A 316 62.03 -7.48 48.11
C GLY A 316 61.00 -8.46 48.65
N SER A 317 60.73 -8.36 49.95
CA SER A 317 59.80 -9.28 50.62
C SER A 317 58.42 -9.29 49.96
N GLY A 318 58.01 -10.45 49.48
CA GLY A 318 56.72 -10.56 48.83
C GLY A 318 56.87 -10.64 47.33
N SER A 319 58.11 -10.66 46.85
CA SER A 319 58.36 -10.78 45.41
C SER A 319 59.34 -11.90 45.08
N ARG A 320 59.55 -12.14 43.79
CA ARG A 320 60.54 -13.09 43.31
C ARG A 320 61.94 -12.47 43.25
N PHE A 321 61.99 -11.17 43.44
CA PHE A 321 63.23 -10.42 43.30
C PHE A 321 63.80 -9.89 44.63
N GLN A 322 65.13 -9.88 44.76
CA GLN A 322 65.72 -9.26 45.94
C GLN A 322 66.48 -8.02 45.51
N THR A 323 66.46 -7.77 44.20
CA THR A 323 66.99 -6.52 43.65
C THR A 323 66.33 -6.22 42.31
N VAL A 324 66.19 -4.93 41.94
CA VAL A 324 65.86 -4.62 40.57
C VAL A 324 67.13 -4.93 39.79
N ASP A 325 66.99 -5.58 38.64
CA ASP A 325 68.15 -5.94 37.82
C ASP A 325 67.70 -5.86 36.37
N SER A 326 68.57 -6.21 35.42
CA SER A 326 68.24 -6.05 33.99
C SER A 326 67.25 -7.09 33.44
N SER A 327 66.91 -8.07 34.27
CA SER A 327 65.85 -9.03 33.99
C SER A 327 64.56 -8.45 34.53
N ASN A 328 64.75 -7.34 35.23
CA ASN A 328 63.72 -6.80 36.07
C ASN A 328 63.24 -5.40 35.71
N ILE A 329 64.12 -4.66 35.04
CA ILE A 329 63.96 -3.21 34.80
C ILE A 329 62.73 -2.83 33.93
N ASP A 330 62.53 -3.56 32.83
CA ASP A 330 61.54 -3.21 31.81
C ASP A 330 60.12 -3.26 32.33
N GLY A 331 59.91 -4.10 33.36
CA GLY A 331 58.61 -4.25 33.99
C GLY A 331 58.17 -3.01 34.75
N PHE A 332 58.95 -1.93 34.67
CA PHE A 332 58.61 -0.69 35.38
C PHE A 332 58.29 0.49 34.46
N VAL A 333 58.39 0.30 33.14
CA VAL A 333 58.12 1.39 32.21
C VAL A 333 56.73 1.97 32.45
N ASN A 334 56.62 3.31 32.47
CA ASN A 334 55.35 4.02 32.66
C ASN A 334 54.64 3.69 33.97
N CYS A 335 55.41 3.38 35.01
CA CYS A 335 54.81 3.00 36.28
C CYS A 335 54.79 4.18 37.26
N THR A 336 53.63 4.45 37.84
CA THR A 336 53.50 5.64 38.68
C THR A 336 53.54 5.27 40.15
N LYS A 337 53.05 4.08 40.47
CA LYS A 337 53.02 3.64 41.85
C LYS A 337 53.62 2.25 42.01
N ILE A 338 54.46 2.10 43.04
CA ILE A 338 55.05 0.81 43.40
C ILE A 338 54.37 0.23 44.65
N LEU A 339 53.65 -0.89 44.47
CA LEU A 339 53.09 -1.63 45.59
C LEU A 339 54.17 -2.52 46.10
N GLY A 340 54.77 -2.15 47.22
CA GLY A 340 55.94 -2.82 47.73
C GLY A 340 57.14 -1.89 47.79
N ASN A 341 58.30 -2.47 47.53
CA ASN A 341 59.56 -1.80 47.77
C ASN A 341 60.35 -1.61 46.49
N LEU A 342 61.44 -0.85 46.56
CA LEU A 342 62.40 -0.80 45.47
C LEU A 342 63.82 -1.00 46.00
N ASP A 343 64.40 -2.17 45.72
CA ASP A 343 65.74 -2.48 46.21
C ASP A 343 66.81 -2.43 45.12
N PHE A 344 67.82 -1.61 45.33
CA PHE A 344 68.88 -1.43 44.36
C PHE A 344 70.21 -2.01 44.89
N LEU A 345 70.35 -3.33 44.82
CA LEU A 345 71.53 -4.02 45.34
C LEU A 345 72.65 -4.04 44.29
N ILE A 346 73.83 -4.48 44.73
CA ILE A 346 75.06 -4.38 43.94
C ILE A 346 75.16 -5.37 42.78
N THR A 347 74.72 -6.61 43.02
CA THR A 347 74.71 -7.63 41.98
C THR A 347 73.72 -7.22 40.92
N GLY A 348 72.62 -6.58 41.36
CA GLY A 348 71.59 -6.07 40.46
C GLY A 348 72.15 -5.05 39.47
N LEU A 349 72.96 -4.13 39.99
CA LEU A 349 73.57 -3.14 39.13
C LEU A 349 74.73 -3.67 38.26
N ASN A 350 75.65 -4.45 38.83
CA ASN A 350 76.85 -4.87 38.09
C ASN A 350 76.76 -6.26 37.47
N GLY A 351 75.67 -6.96 37.75
CA GLY A 351 75.47 -8.25 37.16
C GLY A 351 75.86 -9.37 38.07
N ASP A 352 75.49 -10.59 37.66
CA ASP A 352 75.77 -11.78 38.45
C ASP A 352 76.31 -12.84 37.50
N PRO A 353 77.64 -12.90 37.31
CA PRO A 353 78.23 -13.80 36.31
C PRO A 353 77.96 -15.26 36.61
N TRP A 354 77.63 -15.54 37.86
CA TRP A 354 77.45 -16.91 38.33
C TRP A 354 76.14 -17.51 37.85
N HIS A 355 75.09 -16.68 37.80
CA HIS A 355 73.80 -17.16 37.31
C HIS A 355 73.41 -16.35 36.11
N LYS A 356 74.43 -15.88 35.38
CA LYS A 356 74.22 -15.22 34.10
C LYS A 356 73.10 -14.13 34.06
N ILE A 357 73.05 -13.24 35.03
CA ILE A 357 72.17 -12.06 34.94
C ILE A 357 73.02 -10.83 34.66
N PRO A 358 72.96 -10.29 33.43
CA PRO A 358 73.92 -9.23 33.06
C PRO A 358 73.79 -7.92 33.83
N ALA A 359 74.77 -7.05 33.59
CA ALA A 359 74.86 -5.77 34.26
C ALA A 359 73.89 -4.74 33.70
N LEU A 360 73.13 -4.10 34.57
CA LEU A 360 72.21 -3.00 34.19
C LEU A 360 72.82 -1.91 33.31
N ASP A 361 72.14 -1.56 32.22
CA ASP A 361 72.47 -0.32 31.51
C ASP A 361 72.02 0.80 32.44
N PRO A 362 72.95 1.65 32.86
CA PRO A 362 72.64 2.76 33.77
C PRO A 362 71.47 3.63 33.26
N GLU A 363 71.45 3.95 31.96
CA GLU A 363 70.39 4.83 31.46
C GLU A 363 68.99 4.25 31.70
N LYS A 364 68.85 2.93 31.71
CA LYS A 364 67.55 2.33 31.93
C LYS A 364 67.01 2.60 33.34
N LEU A 365 67.70 3.43 34.11
CA LEU A 365 67.20 3.76 35.44
C LEU A 365 66.17 4.87 35.34
N ASN A 366 66.19 5.56 34.20
CA ASN A 366 65.25 6.66 33.95
C ASN A 366 63.81 6.20 33.91
N VAL A 367 63.63 4.90 33.74
CA VAL A 367 62.32 4.28 33.86
C VAL A 367 61.62 4.65 35.17
N PHE A 368 62.37 5.04 36.19
CA PHE A 368 61.75 5.31 37.49
C PHE A 368 61.32 6.76 37.65
N ARG A 369 61.70 7.61 36.69
CA ARG A 369 61.31 9.02 36.75
C ARG A 369 59.82 9.19 36.88
N THR A 370 59.06 8.23 36.34
CA THR A 370 57.61 8.28 36.31
C THR A 370 56.97 7.84 37.64
N VAL A 371 57.80 7.42 38.59
CA VAL A 371 57.31 6.92 39.87
C VAL A 371 56.95 8.07 40.80
N ARG A 372 55.75 8.02 41.38
CA ARG A 372 55.35 9.08 42.29
C ARG A 372 55.19 8.57 43.72
N GLU A 373 54.82 7.30 43.85
CA GLU A 373 54.65 6.74 45.17
C GLU A 373 55.43 5.44 45.34
N ILE A 374 56.00 5.24 46.52
CA ILE A 374 56.47 3.93 46.91
C ILE A 374 55.76 3.56 48.20
N THR A 375 55.00 2.46 48.18
CA THR A 375 54.19 2.08 49.33
C THR A 375 55.01 1.55 50.51
N GLY A 376 56.10 0.83 50.21
CA GLY A 376 56.91 0.25 51.27
C GLY A 376 58.16 1.07 51.51
N TYR A 377 59.33 0.47 51.35
CA TYR A 377 60.59 1.21 51.55
C TYR A 377 61.34 1.41 50.24
N LEU A 378 62.16 2.45 50.20
CA LEU A 378 63.14 2.63 49.15
C LEU A 378 64.50 2.26 49.71
N ASN A 379 65.25 1.48 48.95
CA ASN A 379 66.50 0.91 49.43
C ASN A 379 67.60 0.96 48.40
N ILE A 380 68.50 1.93 48.52
CA ILE A 380 69.56 2.12 47.54
C ILE A 380 70.93 1.86 48.20
N GLN A 381 71.53 0.74 47.82
CA GLN A 381 72.80 0.34 48.39
C GLN A 381 73.88 0.36 47.32
N SER A 382 73.45 0.53 46.07
CA SER A 382 74.39 0.69 44.97
C SER A 382 73.80 1.59 43.89
N TRP A 383 74.65 2.40 43.28
CA TRP A 383 74.19 3.37 42.28
C TRP A 383 75.28 3.54 41.22
N PRO A 384 74.89 3.84 39.97
CA PRO A 384 75.87 4.02 38.90
C PRO A 384 76.84 5.13 39.23
N PRO A 385 78.13 4.86 39.03
CA PRO A 385 79.21 5.72 39.51
C PRO A 385 79.23 7.09 38.85
N HIS A 386 78.62 7.24 37.68
CA HIS A 386 78.58 8.54 37.03
C HIS A 386 77.36 9.42 37.42
N MET A 387 76.35 8.81 38.02
CA MET A 387 75.18 9.55 38.50
C MET A 387 75.41 10.10 39.92
N HIS A 388 75.43 11.43 40.04
CA HIS A 388 75.80 12.07 41.31
C HIS A 388 74.63 12.30 42.26
N ASN A 389 73.45 11.85 41.86
CA ASN A 389 72.22 12.05 42.63
C ASN A 389 71.13 11.05 42.27
N PHE A 390 70.13 10.93 43.14
CA PHE A 390 68.98 10.08 42.88
C PHE A 390 67.87 10.87 42.18
N SER A 391 68.25 11.55 41.09
CA SER A 391 67.36 12.46 40.38
C SER A 391 66.33 11.69 39.59
N VAL A 392 66.55 10.39 39.45
CA VAL A 392 65.60 9.51 38.79
C VAL A 392 64.32 9.34 39.59
N PHE A 393 64.36 9.73 40.87
CA PHE A 393 63.14 9.80 41.68
C PHE A 393 62.74 11.26 41.96
N SER A 394 63.07 12.16 41.04
CA SER A 394 62.75 13.58 41.19
C SER A 394 61.23 13.79 41.24
N ASN A 395 60.49 12.76 40.88
CA ASN A 395 59.04 12.82 40.95
C ASN A 395 58.49 11.98 42.10
N LEU A 396 59.37 11.32 42.85
CA LEU A 396 58.90 10.53 43.96
C LEU A 396 58.34 11.50 45.00
N THR A 397 57.09 11.26 45.36
CA THR A 397 56.38 12.18 46.24
C THR A 397 56.21 11.56 47.60
N THR A 398 55.99 10.25 47.61
CA THR A 398 55.57 9.58 48.82
C THR A 398 56.25 8.22 49.05
N ILE A 399 56.90 8.08 50.20
CA ILE A 399 57.34 6.77 50.65
C ILE A 399 56.38 6.34 51.75
N GLY A 400 55.70 5.24 51.48
CA GLY A 400 54.67 4.75 52.38
C GLY A 400 55.24 4.15 53.64
N GLY A 401 56.15 3.20 53.48
CA GLY A 401 56.73 2.53 54.62
C GLY A 401 55.76 1.49 55.11
N ARG A 402 54.94 0.99 54.20
CA ARG A 402 53.93 0.01 54.55
C ARG A 402 54.62 -1.35 54.57
N SER A 403 55.89 -1.33 54.22
CA SER A 403 56.82 -2.42 54.53
C SER A 403 58.21 -1.83 54.81
N LEU A 404 58.92 -2.37 55.79
CA LEU A 404 60.20 -1.80 56.16
C LEU A 404 61.36 -2.72 55.80
N TYR A 405 62.58 -2.23 55.99
CA TYR A 405 63.77 -2.98 55.59
C TYR A 405 64.76 -3.01 56.74
N ASN A 406 65.36 -4.18 56.98
CA ASN A 406 66.33 -4.33 58.06
C ASN A 406 65.66 -4.00 59.38
N ARG A 407 66.17 -3.01 60.10
CA ARG A 407 65.61 -2.67 61.39
C ARG A 407 64.66 -1.50 61.20
N GLY A 408 63.55 -1.73 60.52
CA GLY A 408 62.51 -0.71 60.40
C GLY A 408 62.76 0.55 59.59
N PHE A 409 63.45 0.42 58.46
CA PHE A 409 63.80 1.55 57.61
C PHE A 409 62.82 1.76 56.47
N SER A 410 62.37 3.00 56.31
CA SER A 410 61.50 3.37 55.21
C SER A 410 62.36 3.77 54.05
N LEU A 411 63.43 4.49 54.37
CA LEU A 411 64.38 4.93 53.39
C LEU A 411 65.78 4.51 53.80
N LEU A 412 66.47 3.78 52.94
CA LEU A 412 67.83 3.42 53.28
C LEU A 412 68.72 3.73 52.09
N ILE A 413 69.67 4.63 52.33
CA ILE A 413 70.66 5.04 51.35
C ILE A 413 72.02 4.78 51.96
N MET A 414 72.71 3.75 51.48
CA MET A 414 73.92 3.35 52.19
C MET A 414 75.12 3.12 51.30
N LYS A 415 76.25 3.71 51.67
CA LYS A 415 77.53 3.38 51.04
C LYS A 415 77.51 3.63 49.52
N ASN A 416 76.93 4.76 49.14
CA ASN A 416 77.01 5.22 47.78
C ASN A 416 78.10 6.28 47.70
N LEU A 417 79.28 5.86 47.28
CA LEU A 417 80.49 6.68 47.37
C LEU A 417 80.55 7.80 46.29
N GLN A 418 79.65 7.74 45.31
CA GLN A 418 79.71 8.63 44.15
C GLN A 418 78.68 9.77 44.20
N VAL A 419 77.80 9.72 45.20
CA VAL A 419 76.65 10.60 45.30
C VAL A 419 76.93 11.95 46.00
N THR A 420 76.61 13.06 45.31
CA THR A 420 76.80 14.41 45.84
C THR A 420 75.57 14.95 46.59
N SER A 421 74.39 14.53 46.14
CA SER A 421 73.10 15.04 46.60
C SER A 421 72.04 13.96 46.50
N LEU A 422 70.98 14.08 47.30
CA LEU A 422 69.91 13.10 47.25
C LEU A 422 69.05 13.32 46.01
N GLY A 423 68.55 14.55 45.86
CA GLY A 423 67.82 14.92 44.67
C GLY A 423 66.37 14.49 44.66
N PHE A 424 65.82 14.20 45.84
CA PHE A 424 64.39 13.90 45.97
C PHE A 424 63.63 15.22 45.99
N ARG A 425 63.63 15.83 44.82
CA ARG A 425 63.00 17.12 44.54
C ARG A 425 61.63 17.17 45.17
N SER A 426 60.84 16.13 44.92
CA SER A 426 59.41 16.16 45.18
C SER A 426 58.98 15.31 46.35
N LEU A 427 59.92 14.72 47.06
CA LEU A 427 59.54 13.91 48.22
C LEU A 427 58.99 14.82 49.32
N LYS A 428 57.73 14.61 49.69
CA LYS A 428 57.15 15.44 50.74
C LYS A 428 56.60 14.60 51.91
N GLU A 429 56.34 13.33 51.66
CA GLU A 429 55.89 12.50 52.76
C GLU A 429 56.52 11.11 52.82
N ILE A 430 57.19 10.82 53.94
CA ILE A 430 57.55 9.46 54.32
C ILE A 430 56.67 9.05 55.51
N SER A 431 55.73 8.15 55.24
CA SER A 431 54.58 7.95 56.13
C SER A 431 54.90 7.25 57.44
N ALA A 432 55.82 6.29 57.41
CA ALA A 432 56.18 5.58 58.63
C ALA A 432 57.58 4.98 58.52
N GLY A 433 58.16 4.58 59.66
CA GLY A 433 59.46 3.91 59.65
C GLY A 433 60.66 4.81 59.92
N ARG A 434 61.85 4.28 59.73
CA ARG A 434 63.08 5.00 60.08
C ARG A 434 63.94 5.31 58.85
N ILE A 435 64.80 6.31 58.99
CA ILE A 435 65.62 6.77 57.86
C ILE A 435 67.11 6.53 58.06
N TYR A 436 67.70 5.77 57.13
CA TYR A 436 69.12 5.45 57.20
C TYR A 436 69.85 6.10 56.04
N ILE A 437 70.74 7.04 56.36
CA ILE A 437 71.59 7.70 55.36
C ILE A 437 73.01 7.79 55.90
N SER A 438 73.82 6.80 55.50
CA SER A 438 75.19 6.66 56.01
C SER A 438 76.23 6.21 55.00
N ALA A 439 77.47 6.66 55.21
CA ALA A 439 78.63 6.18 54.45
C ALA A 439 78.59 6.53 52.96
N ASN A 440 77.98 7.67 52.66
CA ASN A 440 77.90 8.17 51.30
C ASN A 440 78.88 9.31 51.15
N ARG A 441 80.16 8.96 50.98
CA ARG A 441 81.29 9.83 51.30
C ARG A 441 81.25 11.23 50.71
N GLN A 442 80.56 11.45 49.60
CA GLN A 442 80.50 12.82 49.08
C GLN A 442 79.09 13.42 49.08
N LEU A 443 78.25 12.92 49.97
CA LEU A 443 76.87 13.38 50.04
C LEU A 443 76.77 14.66 50.83
N CYS A 444 76.40 15.74 50.14
CA CYS A 444 76.20 17.02 50.79
C CYS A 444 74.72 17.40 50.70
N TYR A 445 74.39 18.62 51.13
CA TYR A 445 73.05 19.22 50.99
C TYR A 445 71.99 18.59 51.88
N HIS A 446 72.35 17.54 52.63
CA HIS A 446 71.35 16.86 53.46
C HIS A 446 71.41 17.30 54.92
N HIS A 447 72.45 18.06 55.27
CA HIS A 447 72.70 18.40 56.67
C HIS A 447 71.62 19.28 57.25
N SER A 448 71.18 20.24 56.42
CA SER A 448 70.22 21.29 56.79
C SER A 448 68.77 20.85 56.74
N LEU A 449 68.49 19.67 56.18
CA LEU A 449 67.13 19.24 55.92
C LEU A 449 66.34 18.98 57.21
N ASN A 450 65.10 19.46 57.27
CA ASN A 450 64.22 19.32 58.44
C ASN A 450 63.37 18.08 58.20
N TRP A 451 63.87 16.93 58.68
CA TRP A 451 63.23 15.63 58.45
C TRP A 451 61.85 15.56 59.05
N THR A 452 61.59 16.42 60.02
CA THR A 452 60.28 16.39 60.65
C THR A 452 59.20 16.85 59.65
N LYS A 453 59.55 17.55 58.56
CA LYS A 453 58.54 17.88 57.51
C LYS A 453 58.36 16.77 56.50
N VAL A 454 59.30 15.84 56.46
CA VAL A 454 59.22 14.78 55.50
C VAL A 454 58.73 13.56 56.26
N LEU A 455 59.35 13.36 57.41
CA LEU A 455 59.05 12.22 58.25
C LEU A 455 58.19 12.66 59.43
N ARG A 456 56.91 12.30 59.44
CA ARG A 456 56.13 12.67 60.61
C ARG A 456 55.55 11.47 61.34
N GLY A 457 55.08 11.81 62.53
CA GLY A 457 54.94 10.89 63.63
C GLY A 457 56.06 11.42 64.52
N PRO A 458 56.35 10.72 65.61
CA PRO A 458 57.44 11.15 66.51
C PRO A 458 58.78 11.23 65.76
N THR A 459 59.54 12.31 65.92
CA THR A 459 60.79 12.44 65.18
C THR A 459 61.99 11.72 65.76
N GLU A 460 62.00 11.52 67.08
CA GLU A 460 63.25 11.15 67.72
C GLU A 460 63.48 9.65 67.77
N GLU A 461 64.76 9.31 67.53
CA GLU A 461 65.27 7.95 67.37
C GLU A 461 64.92 7.33 66.02
N ARG A 462 64.44 8.13 65.09
CA ARG A 462 64.08 7.58 63.78
C ARG A 462 65.15 7.87 62.73
N LEU A 463 66.23 8.53 63.14
CA LEU A 463 67.25 8.97 62.20
C LEU A 463 68.60 8.32 62.45
N ASP A 464 69.07 7.63 61.44
CA ASP A 464 70.38 7.00 61.44
C ASP A 464 71.21 7.65 60.33
N ILE A 465 71.73 8.83 60.59
CA ILE A 465 72.39 9.58 59.53
C ILE A 465 73.82 9.92 59.90
N LYS A 466 74.76 9.17 59.35
CA LYS A 466 76.15 9.36 59.76
C LYS A 466 77.18 9.01 58.68
N HIS A 467 78.37 9.57 58.82
CA HIS A 467 79.50 9.21 57.99
C HIS A 467 79.26 9.53 56.52
N ASN A 468 78.52 10.60 56.28
CA ASN A 468 78.45 11.18 54.95
C ASN A 468 79.49 12.28 54.84
N ARG A 469 79.45 13.10 53.81
CA ARG A 469 80.50 14.11 53.75
C ARG A 469 80.37 15.00 54.98
N PRO A 470 81.50 15.37 55.60
CA PRO A 470 81.29 16.12 56.84
C PRO A 470 80.81 17.52 56.52
N ARG A 471 79.83 18.02 57.30
CA ARG A 471 79.17 19.32 57.02
C ARG A 471 80.14 20.46 56.73
N ARG A 472 81.19 20.53 57.55
CA ARG A 472 82.27 21.53 57.47
C ARG A 472 82.84 21.64 56.06
N ASP A 473 83.19 20.48 55.51
CA ASP A 473 83.76 20.41 54.17
C ASP A 473 82.77 20.93 53.14
N CYS A 474 81.49 20.60 53.35
CA CYS A 474 80.44 21.00 52.42
C CYS A 474 80.34 22.52 52.39
N VAL A 475 80.20 23.11 53.58
CA VAL A 475 80.23 24.55 53.75
C VAL A 475 81.43 25.15 53.04
N ALA A 476 82.58 24.50 53.15
CA ALA A 476 83.80 25.05 52.58
C ALA A 476 83.88 24.93 51.06
N GLU A 477 83.11 24.02 50.45
CA GLU A 477 83.14 23.93 48.98
C GLU A 477 81.96 24.65 48.35
N GLY A 478 81.17 25.34 49.17
CA GLY A 478 80.02 26.07 48.66
C GLY A 478 78.93 25.12 48.22
N LYS A 479 78.78 24.03 48.98
CA LYS A 479 77.76 23.02 48.70
C LYS A 479 76.69 23.08 49.76
N VAL A 480 75.94 24.17 49.77
CA VAL A 480 74.85 24.36 50.72
C VAL A 480 73.57 24.78 50.01
N CYS A 481 72.48 24.92 50.74
CA CYS A 481 71.18 25.29 50.13
C CYS A 481 71.21 26.66 49.45
N ASP A 482 70.48 26.78 48.35
CA ASP A 482 70.25 28.07 47.69
C ASP A 482 69.69 29.05 48.72
N PRO A 483 70.06 30.33 48.62
CA PRO A 483 69.57 31.32 49.60
C PRO A 483 68.05 31.42 49.56
N LEU A 484 67.48 31.12 48.39
CA LEU A 484 66.04 31.11 48.18
C LEU A 484 65.27 29.99 48.92
N CYS A 485 65.95 28.92 49.31
CA CYS A 485 65.31 27.88 50.12
C CYS A 485 64.96 28.40 51.52
N SER A 486 63.96 27.80 52.14
CA SER A 486 63.60 28.20 53.49
C SER A 486 64.49 27.46 54.47
N SER A 487 64.19 27.60 55.75
CA SER A 487 64.97 26.95 56.79
C SER A 487 64.83 25.43 56.69
N GLY A 488 63.91 24.98 55.85
CA GLY A 488 63.65 23.56 55.73
C GLY A 488 64.77 22.77 55.08
N GLY A 489 65.48 23.35 54.11
CA GLY A 489 66.62 22.70 53.51
C GLY A 489 66.48 22.37 52.03
N CYS A 490 67.42 21.60 51.51
CA CYS A 490 67.41 21.21 50.10
C CYS A 490 67.77 19.75 49.87
N TRP A 491 67.54 19.29 48.64
CA TRP A 491 67.91 17.96 48.18
C TRP A 491 69.02 18.08 47.16
N GLY A 492 69.74 19.21 47.20
CA GLY A 492 70.79 19.42 46.23
C GLY A 492 71.04 20.90 46.08
N PRO A 493 71.89 21.25 45.11
CA PRO A 493 72.25 22.63 44.80
C PRO A 493 71.11 23.38 44.09
N GLY A 494 71.12 24.70 44.10
CA GLY A 494 70.18 25.43 43.28
C GLY A 494 68.76 25.54 43.83
N PRO A 495 67.99 26.49 43.28
CA PRO A 495 66.62 26.87 43.65
C PRO A 495 65.57 25.75 43.56
N GLY A 496 65.67 24.89 42.55
CA GLY A 496 64.68 23.83 42.34
C GLY A 496 64.95 22.53 43.09
N GLN A 497 65.67 22.62 44.19
CA GLN A 497 65.89 21.47 45.06
C GLN A 497 65.36 21.78 46.45
N CYS A 498 64.68 22.92 46.56
CA CYS A 498 64.25 23.38 47.87
C CYS A 498 63.11 22.52 48.36
N LEU A 499 63.00 22.40 49.68
CA LEU A 499 61.83 21.75 50.25
C LEU A 499 60.68 22.77 50.29
N SER A 500 61.01 24.02 50.60
CA SER A 500 60.05 25.12 50.48
C SER A 500 60.78 26.46 50.33
N CYS A 501 60.13 27.42 49.65
CA CYS A 501 60.78 28.67 49.29
C CYS A 501 60.56 29.72 50.38
N ARG A 502 61.44 30.72 50.45
CA ARG A 502 61.25 31.80 51.42
C ARG A 502 60.16 32.78 50.97
N ASN A 503 60.17 33.15 49.68
CA ASN A 503 59.13 33.99 49.13
C ASN A 503 58.25 33.15 48.25
N TYR A 504 58.46 33.36 46.95
CA TYR A 504 57.65 32.83 45.87
C TYR A 504 58.28 31.65 45.15
N SER A 505 57.44 30.93 44.43
CA SER A 505 57.85 29.80 43.59
C SER A 505 57.10 29.74 42.26
N ARG A 506 57.80 29.32 41.21
CA ARG A 506 57.16 29.12 39.91
C ARG A 506 57.59 27.76 39.32
N GLY A 507 56.67 26.82 39.24
CA GLY A 507 56.97 25.49 38.72
C GLY A 507 57.91 24.69 39.61
N GLY A 508 57.67 24.76 40.93
CA GLY A 508 58.53 24.10 41.90
C GLY A 508 59.97 24.57 41.87
N VAL A 509 60.18 25.77 41.30
CA VAL A 509 61.47 26.46 41.29
C VAL A 509 61.39 27.71 42.13
N CYS A 510 62.19 27.82 43.18
CA CYS A 510 62.14 29.04 43.98
C CYS A 510 62.57 30.28 43.19
N VAL A 511 61.92 31.41 43.48
CA VAL A 511 62.21 32.67 42.78
C VAL A 511 62.11 33.85 43.73
N THR A 512 62.57 35.01 43.27
CA THR A 512 62.58 36.19 44.13
C THR A 512 61.26 36.89 43.95
N HIS A 513 60.71 36.79 42.74
CA HIS A 513 59.48 37.49 42.44
C HIS A 513 58.68 36.78 41.36
N CYS A 514 57.39 37.15 41.32
CA CYS A 514 56.43 36.76 40.30
C CYS A 514 56.39 37.92 39.34
N ASN A 515 55.95 37.69 38.11
CA ASN A 515 55.84 38.81 37.18
C ASN A 515 54.61 39.72 37.41
N PHE A 516 54.61 40.44 38.54
CA PHE A 516 53.53 41.32 38.92
C PHE A 516 53.44 42.56 38.02
N LEU A 517 54.57 43.26 37.87
CA LEU A 517 54.58 44.55 37.22
C LEU A 517 55.40 44.56 35.93
N ASN A 518 56.03 43.43 35.61
CA ASN A 518 56.80 43.29 34.38
C ASN A 518 57.12 41.83 34.08
N GLY A 519 57.85 41.60 32.98
CA GLY A 519 58.20 40.24 32.58
C GLY A 519 57.18 39.86 31.54
N GLU A 520 57.51 38.91 30.66
CA GLU A 520 56.64 38.73 29.50
C GLU A 520 55.47 37.76 29.70
N PRO A 521 55.65 36.68 30.49
CA PRO A 521 54.42 36.09 31.02
C PRO A 521 53.99 36.79 32.33
N ARG A 522 52.88 37.53 32.30
CA ARG A 522 52.48 38.28 33.48
C ARG A 522 51.79 37.32 34.42
N GLU A 523 51.77 37.62 35.72
CA GLU A 523 51.34 36.61 36.69
C GLU A 523 50.68 37.18 37.94
N PHE A 524 50.07 36.28 38.71
CA PHE A 524 49.57 36.60 40.05
C PHE A 524 50.01 35.54 41.07
N ALA A 525 49.91 35.87 42.36
CA ALA A 525 50.37 34.98 43.41
C ALA A 525 49.24 34.39 44.24
N HIS A 526 49.16 33.06 44.29
CA HIS A 526 48.24 32.42 45.24
C HIS A 526 49.04 31.53 46.18
N GLU A 527 48.94 31.83 47.48
CA GLU A 527 49.76 31.18 48.53
C GLU A 527 51.19 30.93 48.08
N ALA A 528 51.81 32.01 47.61
CA ALA A 528 53.21 32.07 47.22
C ALA A 528 53.55 31.29 45.95
N GLU A 529 52.60 31.16 45.03
CA GLU A 529 52.91 30.55 43.74
C GLU A 529 52.54 31.49 42.59
N CYS A 530 53.34 31.49 41.52
CA CYS A 530 53.10 32.34 40.35
C CYS A 530 52.33 31.62 39.26
N PHE A 531 51.09 32.04 39.05
CA PHE A 531 50.31 31.50 37.94
C PHE A 531 50.12 32.61 36.90
N SER A 532 50.07 32.29 35.61
CA SER A 532 49.94 33.31 34.59
C SER A 532 48.58 33.98 34.76
N CYS A 533 48.42 35.19 34.22
CA CYS A 533 47.08 35.78 34.20
C CYS A 533 46.39 35.02 33.07
N HIS A 534 45.08 35.18 32.97
CA HIS A 534 44.21 34.52 31.96
C HIS A 534 44.79 35.20 30.68
N PRO A 535 45.00 34.49 29.57
CA PRO A 535 45.78 34.89 28.36
C PRO A 535 45.46 36.16 27.60
N GLU A 536 44.31 36.74 27.97
CA GLU A 536 43.57 37.89 27.40
C GLU A 536 43.73 39.26 28.04
N CYS A 537 44.54 39.36 29.09
CA CYS A 537 44.55 40.62 29.80
C CYS A 537 45.56 41.35 28.97
N GLN A 538 45.41 42.66 28.92
CA GLN A 538 46.41 43.41 28.26
C GLN A 538 47.39 43.66 29.36
N PRO A 539 48.63 43.23 29.12
CA PRO A 539 49.70 43.42 30.09
C PRO A 539 49.96 44.90 30.24
N MET A 540 49.56 45.57 31.31
CA MET A 540 50.10 46.92 31.43
C MET A 540 50.90 47.28 32.68
N GLU A 541 51.59 48.39 32.49
CA GLU A 541 52.91 48.67 33.01
C GLU A 541 52.88 49.22 34.43
N GLY A 542 53.67 48.57 35.28
CA GLY A 542 53.87 49.06 36.64
C GLY A 542 52.65 48.89 37.51
N THR A 543 51.70 48.11 37.03
CA THR A 543 50.54 47.78 37.82
C THR A 543 50.13 46.31 37.65
N ALA A 544 49.43 45.78 38.65
CA ALA A 544 48.96 44.39 38.58
C ALA A 544 48.09 44.19 37.34
N THR A 545 48.35 43.15 36.57
CA THR A 545 47.55 42.86 35.39
C THR A 545 46.27 42.10 35.77
N CYS A 546 46.32 41.38 36.89
CA CYS A 546 45.20 40.57 37.33
C CYS A 546 45.38 40.16 38.78
N ASN A 547 44.28 39.89 39.47
CA ASN A 547 44.33 39.33 40.81
C ASN A 547 44.07 37.82 40.83
N GLY A 548 43.85 37.21 39.66
CA GLY A 548 43.43 35.82 39.63
C GLY A 548 43.52 35.10 38.29
N SER A 549 43.11 33.83 38.30
CA SER A 549 43.28 32.93 37.16
C SER A 549 42.32 33.22 36.05
N GLY A 550 41.11 33.52 36.48
CA GLY A 550 39.94 33.68 35.63
C GLY A 550 39.74 34.98 34.86
N SER A 551 39.17 34.90 33.66
CA SER A 551 38.58 36.08 32.98
C SER A 551 37.53 36.58 33.84
N ASP A 552 37.84 37.70 34.47
CA ASP A 552 36.93 38.47 35.33
C ASP A 552 37.80 38.89 36.47
N THR A 553 39.11 38.82 36.27
CA THR A 553 40.04 39.28 37.29
C THR A 553 41.05 40.28 36.73
N CYS A 554 41.11 40.43 35.41
CA CYS A 554 42.11 41.33 34.85
C CYS A 554 41.79 42.77 35.19
N ALA A 555 42.81 43.61 35.18
CA ALA A 555 42.53 45.00 35.43
C ALA A 555 41.80 45.57 34.22
N GLN A 556 42.25 45.17 33.02
CA GLN A 556 41.84 45.74 31.73
C GLN A 556 42.31 44.83 30.58
N CYS A 557 41.37 44.50 29.69
CA CYS A 557 41.53 43.59 28.55
C CYS A 557 42.06 44.09 27.22
N ALA A 558 42.89 43.29 26.59
CA ALA A 558 43.06 43.45 25.17
C ALA A 558 41.80 42.83 24.58
N HIS A 559 41.44 43.29 23.40
CA HIS A 559 40.25 42.87 22.65
C HIS A 559 38.94 43.27 23.43
N PHE A 560 37.91 42.43 23.51
CA PHE A 560 36.59 42.94 23.98
C PHE A 560 35.94 42.31 25.25
N ARG A 561 35.21 43.08 26.06
CA ARG A 561 34.60 42.48 27.27
C ARG A 561 33.09 42.22 27.25
N ASP A 562 32.74 41.12 27.92
CA ASP A 562 31.38 40.60 27.96
C ASP A 562 31.04 40.42 29.43
N GLY A 563 30.32 41.40 29.96
CA GLY A 563 30.04 41.45 31.38
C GLY A 563 31.32 41.50 32.17
N PRO A 564 31.44 40.64 33.19
CA PRO A 564 32.70 40.59 33.94
C PRO A 564 33.86 39.95 33.15
N HIS A 565 33.61 39.24 32.04
CA HIS A 565 34.62 38.37 31.37
C HIS A 565 35.41 38.93 30.13
N CYS A 566 36.74 38.82 30.13
CA CYS A 566 37.51 39.19 28.92
C CYS A 566 37.39 38.16 27.82
N VAL A 567 36.89 38.57 26.68
CA VAL A 567 36.93 37.66 25.61
C VAL A 567 37.56 38.38 24.41
N SER A 568 38.04 37.60 23.46
CA SER A 568 38.37 38.11 22.13
C SER A 568 37.32 37.41 21.30
N SER A 569 37.25 37.65 20.01
CA SER A 569 36.31 36.88 19.18
C SER A 569 34.90 36.86 19.79
N CYS A 570 34.22 37.99 19.66
CA CYS A 570 32.95 38.21 20.31
C CYS A 570 32.06 37.03 19.88
N PRO A 571 31.08 36.68 20.71
CA PRO A 571 30.26 35.51 20.37
C PRO A 571 29.68 35.52 18.94
N HIS A 572 29.78 34.37 18.29
CA HIS A 572 29.20 34.17 16.97
C HIS A 572 27.87 33.45 17.24
N GLY A 573 26.87 34.23 17.63
CA GLY A 573 25.58 33.64 17.93
C GLY A 573 25.60 33.23 19.38
N VAL A 574 24.50 33.46 20.08
CA VAL A 574 24.44 33.07 21.48
C VAL A 574 24.17 31.53 21.62
N LEU A 575 25.22 30.71 21.50
CA LEU A 575 25.02 29.27 21.62
C LEU A 575 24.69 29.03 23.08
N GLY A 576 23.41 28.82 23.39
CA GLY A 576 23.05 28.75 24.80
C GLY A 576 21.62 28.53 25.25
N ALA A 577 21.37 29.00 26.47
CA ALA A 577 20.15 28.76 27.27
C ALA A 577 18.92 28.31 26.47
N LYS A 578 18.54 29.09 25.45
CA LYS A 578 17.45 28.73 24.52
C LYS A 578 17.64 29.21 23.07
N GLY A 579 18.79 28.94 22.45
CA GLY A 579 18.99 29.21 21.02
C GLY A 579 19.95 30.35 20.69
N PRO A 580 20.64 30.27 19.52
CA PRO A 580 21.65 31.26 19.12
C PRO A 580 21.16 32.43 18.27
N ASN B 5 -28.96 -17.45 -5.51
CA ASN B 5 -27.51 -17.52 -5.67
C ASN B 5 -26.91 -16.14 -5.89
N SER B 6 -26.32 -15.60 -4.81
CA SER B 6 -25.51 -14.38 -4.80
C SER B 6 -25.85 -13.37 -5.90
N GLN B 7 -27.11 -12.94 -5.92
CA GLN B 7 -27.48 -11.73 -6.67
C GLN B 7 -26.86 -10.57 -5.87
N ALA B 8 -25.63 -10.27 -6.28
CA ALA B 8 -24.74 -9.39 -5.54
C ALA B 8 -24.94 -7.97 -6.00
N VAL B 9 -25.92 -7.75 -6.88
CA VAL B 9 -26.11 -6.46 -7.53
C VAL B 9 -27.46 -5.87 -7.18
N CYS B 10 -27.53 -4.53 -7.20
CA CYS B 10 -28.68 -3.75 -6.75
C CYS B 10 -28.73 -2.43 -7.52
N PRO B 11 -29.92 -1.81 -7.64
CA PRO B 11 -30.01 -0.52 -8.30
C PRO B 11 -29.59 0.62 -7.37
N GLY B 12 -29.24 1.77 -7.94
CA GLY B 12 -28.82 2.92 -7.17
C GLY B 12 -29.94 3.77 -6.62
N THR B 13 -30.88 4.12 -7.49
CA THR B 13 -31.93 5.07 -7.12
C THR B 13 -33.30 4.47 -7.31
N LEU B 33 -27.87 -0.94 -2.94
CA LEU B 33 -27.77 -0.15 -1.72
C LEU B 33 -28.61 -0.73 -0.59
N TYR B 34 -28.65 -2.07 -0.52
CA TYR B 34 -29.42 -2.75 0.51
C TYR B 34 -28.83 -4.15 0.75
N GLU B 35 -29.29 -4.80 1.83
CA GLU B 35 -28.70 -6.00 2.46
C GLU B 35 -27.38 -6.48 1.86
N ARG B 36 -27.31 -7.71 1.36
CA ARG B 36 -25.98 -8.23 1.02
C ARG B 36 -25.48 -7.81 -0.36
N CYS B 37 -25.88 -6.63 -0.82
CA CYS B 37 -25.38 -6.07 -2.07
C CYS B 37 -23.86 -5.89 -2.10
N GLU B 38 -23.25 -6.25 -3.23
CA GLU B 38 -21.79 -6.16 -3.42
C GLU B 38 -21.45 -5.16 -4.52
N VAL B 39 -22.28 -5.13 -5.56
CA VAL B 39 -22.11 -4.16 -6.60
C VAL B 39 -23.35 -3.30 -6.68
N VAL B 40 -23.17 -1.99 -6.62
CA VAL B 40 -24.28 -1.08 -6.82
C VAL B 40 -24.29 -0.58 -8.26
N MET B 41 -25.24 -1.11 -9.03
CA MET B 41 -25.43 -0.71 -10.41
C MET B 41 -26.20 0.62 -10.35
N GLY B 42 -25.57 1.71 -10.78
CA GLY B 42 -26.10 3.05 -10.55
C GLY B 42 -25.30 3.89 -9.55
N ASN B 43 -25.82 5.03 -9.13
CA ASN B 43 -25.18 5.88 -8.13
C ASN B 43 -25.65 5.58 -6.72
N LEU B 44 -24.74 5.72 -5.76
CA LEU B 44 -25.10 5.61 -4.34
C LEU B 44 -25.28 7.02 -3.80
N GLU B 45 -26.54 7.46 -3.76
CA GLU B 45 -26.89 8.78 -3.26
C GLU B 45 -27.46 8.74 -1.85
N ILE B 46 -26.89 9.55 -1.00
CA ILE B 46 -27.26 9.66 0.40
C ILE B 46 -27.43 11.13 0.79
N VAL B 47 -28.68 11.56 0.94
CA VAL B 47 -28.95 12.95 1.23
C VAL B 47 -30.02 13.07 2.31
N LEU B 48 -29.92 14.13 3.10
CA LEU B 48 -30.94 14.50 4.07
C LEU B 48 -31.30 13.43 5.08
N THR B 49 -30.39 12.50 5.34
CA THR B 49 -30.70 11.42 6.26
C THR B 49 -30.30 11.83 7.69
N GLY B 50 -31.10 11.44 8.68
CA GLY B 50 -30.89 11.88 10.05
C GLY B 50 -29.75 11.18 10.77
N HIS B 51 -29.40 11.64 11.97
CA HIS B 51 -28.20 11.14 12.67
C HIS B 51 -28.29 9.66 13.13
N ASN B 52 -29.51 9.16 13.31
CA ASN B 52 -29.69 7.78 13.79
C ASN B 52 -30.23 6.88 12.70
N ALA B 53 -29.87 7.14 11.45
CA ALA B 53 -30.24 6.22 10.39
C ALA B 53 -29.38 4.97 10.46
N ASP B 54 -30.01 3.82 10.24
CA ASP B 54 -29.31 2.56 10.24
C ASP B 54 -28.62 2.47 8.88
N LEU B 55 -27.29 2.51 8.88
CA LEU B 55 -26.55 2.52 7.63
C LEU B 55 -25.75 1.25 7.39
N SER B 56 -25.93 0.27 8.25
CA SER B 56 -25.15 -0.95 8.14
C SER B 56 -25.53 -1.77 6.92
N PHE B 57 -26.72 -1.55 6.35
CA PHE B 57 -27.15 -2.33 5.19
C PHE B 57 -26.22 -2.06 3.99
N LEU B 58 -25.40 -1.02 4.10
CA LEU B 58 -24.40 -0.69 3.09
C LEU B 58 -23.09 -1.48 3.24
N GLN B 59 -23.02 -2.32 4.27
CA GLN B 59 -21.80 -3.03 4.67
C GLN B 59 -20.99 -3.77 3.58
N TRP B 60 -21.65 -4.51 2.68
CA TRP B 60 -20.94 -5.34 1.69
C TRP B 60 -20.57 -4.64 0.38
N ILE B 61 -21.01 -3.39 0.19
CA ILE B 61 -20.75 -2.70 -1.06
C ILE B 61 -19.25 -2.66 -1.32
N ARG B 62 -18.89 -3.20 -2.47
CA ARG B 62 -17.54 -3.40 -2.92
C ARG B 62 -17.28 -2.47 -4.10
N GLU B 63 -18.36 -2.24 -4.85
CA GLU B 63 -18.31 -1.43 -6.07
C GLU B 63 -19.56 -0.60 -6.30
N VAL B 64 -19.35 0.65 -6.68
CA VAL B 64 -20.43 1.55 -7.04
C VAL B 64 -20.12 1.98 -8.46
N THR B 65 -20.93 1.51 -9.40
CA THR B 65 -20.70 1.74 -10.81
C THR B 65 -20.94 3.20 -11.23
N GLY B 66 -21.62 3.95 -10.37
CA GLY B 66 -21.86 5.35 -10.66
C GLY B 66 -20.89 6.21 -9.89
N TYR B 67 -21.44 7.09 -9.06
CA TYR B 67 -20.71 8.00 -8.23
C TYR B 67 -21.28 7.92 -6.82
N VAL B 68 -20.57 8.44 -5.84
CA VAL B 68 -21.07 8.44 -4.49
C VAL B 68 -21.37 9.87 -4.11
N LEU B 69 -22.59 10.14 -3.71
CA LEU B 69 -22.95 11.48 -3.29
C LEU B 69 -23.38 11.46 -1.84
N VAL B 70 -22.72 12.25 -1.00
CA VAL B 70 -23.13 12.31 0.40
C VAL B 70 -23.30 13.75 0.84
N ALA B 71 -24.56 14.15 0.98
CA ALA B 71 -24.87 15.55 1.30
C ALA B 71 -26.00 15.70 2.31
N MET B 72 -25.95 16.79 3.07
CA MET B 72 -27.01 17.18 4.00
C MET B 72 -27.38 16.14 5.05
N ASN B 73 -26.38 15.43 5.57
CA ASN B 73 -26.69 14.41 6.56
C ASN B 73 -26.18 14.78 7.93
N GLU B 74 -26.63 14.04 8.93
CA GLU B 74 -26.22 14.32 10.29
C GLU B 74 -25.71 13.08 11.02
N PHE B 75 -25.53 11.98 10.31
CA PHE B 75 -24.96 10.81 10.95
C PHE B 75 -23.45 11.05 11.06
N SER B 76 -22.79 10.37 11.99
CA SER B 76 -21.41 10.70 12.34
C SER B 76 -20.39 9.93 11.55
N THR B 77 -20.72 8.69 11.21
CA THR B 77 -19.82 7.84 10.43
C THR B 77 -20.54 7.24 9.23
N LEU B 78 -19.86 7.28 8.08
CA LEU B 78 -20.33 6.66 6.84
C LEU B 78 -19.64 5.31 6.72
N PRO B 79 -20.37 4.23 7.02
CA PRO B 79 -19.74 2.91 7.01
C PRO B 79 -19.70 2.26 5.62
N LEU B 80 -18.57 2.40 4.94
CA LEU B 80 -18.33 1.71 3.68
C LEU B 80 -16.97 1.01 3.76
N PRO B 81 -16.89 0.01 4.66
CA PRO B 81 -15.64 -0.69 4.94
C PRO B 81 -15.18 -1.48 3.71
N ASN B 82 -16.11 -2.07 2.97
CA ASN B 82 -15.75 -2.96 1.86
C ASN B 82 -15.62 -2.26 0.49
N LEU B 83 -16.09 -1.03 0.39
CA LEU B 83 -16.01 -0.30 -0.88
C LEU B 83 -14.59 -0.17 -1.39
N ARG B 84 -14.34 -0.76 -2.56
CA ARG B 84 -13.02 -0.81 -3.19
C ARG B 84 -12.93 -0.04 -4.49
N VAL B 85 -14.01 -0.03 -5.27
CA VAL B 85 -14.03 0.69 -6.54
C VAL B 85 -15.19 1.67 -6.68
N VAL B 86 -14.92 2.83 -7.27
CA VAL B 86 -15.99 3.71 -7.72
C VAL B 86 -15.73 4.00 -9.19
N ARG B 87 -16.63 3.51 -10.04
CA ARG B 87 -16.35 3.37 -11.45
C ARG B 87 -16.52 4.67 -12.23
N GLY B 88 -17.46 5.48 -11.77
CA GLY B 88 -17.74 6.75 -12.40
C GLY B 88 -18.25 6.68 -13.82
N THR B 89 -19.05 5.67 -14.18
CA THR B 89 -19.59 5.66 -15.54
C THR B 89 -20.50 6.89 -15.68
N GLN B 90 -21.03 7.34 -14.55
CA GLN B 90 -21.74 8.61 -14.45
C GLN B 90 -21.04 9.46 -13.37
N VAL B 91 -20.97 10.77 -13.56
CA VAL B 91 -20.28 11.60 -12.57
C VAL B 91 -21.18 12.76 -12.18
N TYR B 92 -20.96 13.27 -10.98
CA TYR B 92 -21.78 14.32 -10.40
C TYR B 92 -21.11 15.64 -10.64
N ASP B 93 -21.90 16.64 -11.02
CA ASP B 93 -21.42 17.99 -11.33
C ASP B 93 -20.44 17.97 -12.49
N GLY B 94 -20.54 16.92 -13.31
CA GLY B 94 -19.71 16.79 -14.50
C GLY B 94 -18.29 16.33 -14.25
N LYS B 95 -17.83 16.34 -13.00
CA LYS B 95 -16.42 16.08 -12.72
C LYS B 95 -16.06 15.17 -11.52
N PHE B 96 -17.03 14.72 -10.73
CA PHE B 96 -16.69 14.03 -9.49
C PHE B 96 -17.29 12.66 -9.33
N ALA B 97 -16.43 11.71 -9.01
CA ALA B 97 -16.86 10.36 -8.75
C ALA B 97 -17.24 10.25 -7.28
N ILE B 98 -16.57 11.04 -6.43
CA ILE B 98 -17.01 11.18 -5.04
C ILE B 98 -17.37 12.65 -4.76
N PHE B 99 -18.53 12.88 -4.15
CA PHE B 99 -18.98 14.24 -3.83
C PHE B 99 -19.58 14.30 -2.44
N VAL B 100 -18.82 14.84 -1.50
CA VAL B 100 -19.23 14.88 -0.08
C VAL B 100 -19.27 16.29 0.45
N MET B 101 -20.48 16.76 0.72
CA MET B 101 -20.70 18.18 0.95
C MET B 101 -21.68 18.50 2.07
N LEU B 102 -21.32 19.45 2.92
CA LEU B 102 -22.24 20.03 3.91
C LEU B 102 -22.91 19.03 4.83
N ASN B 103 -22.16 18.21 5.54
CA ASN B 103 -22.83 17.24 6.38
C ASN B 103 -22.76 17.60 7.85
N TYR B 104 -23.37 18.73 8.19
CA TYR B 104 -23.47 19.18 9.57
C TYR B 104 -24.68 20.08 9.83
N ASN B 105 -25.35 19.83 10.96
CA ASN B 105 -26.39 20.73 11.43
C ASN B 105 -25.71 21.88 12.17
N THR B 106 -26.24 23.09 11.97
CA THR B 106 -25.71 24.30 12.58
C THR B 106 -26.01 24.47 14.08
N ASN B 107 -27.29 24.41 14.45
CA ASN B 107 -27.67 24.74 15.81
C ASN B 107 -27.41 23.56 16.78
N SER B 108 -27.03 22.42 16.24
CA SER B 108 -26.51 21.34 17.09
C SER B 108 -25.15 20.85 16.62
N SER B 109 -24.58 19.91 17.34
CA SER B 109 -23.34 19.29 16.89
C SER B 109 -23.63 17.83 16.58
N HIS B 110 -24.56 17.63 15.66
CA HIS B 110 -24.65 16.36 14.94
C HIS B 110 -24.09 16.52 13.51
N ALA B 111 -23.07 15.72 13.19
CA ALA B 111 -22.32 15.95 11.97
C ALA B 111 -21.52 14.73 11.55
N LEU B 112 -21.05 14.77 10.29
CA LEU B 112 -20.28 13.70 9.68
C LEU B 112 -18.84 13.89 10.06
N ARG B 113 -18.34 12.93 10.83
CA ARG B 113 -17.01 13.05 11.40
C ARG B 113 -16.01 12.17 10.64
N GLN B 114 -16.50 11.03 10.13
CA GLN B 114 -15.64 10.05 9.45
C GLN B 114 -16.19 9.43 8.15
N LEU B 115 -15.33 9.43 7.13
CA LEU B 115 -15.52 8.56 5.97
C LEU B 115 -14.68 7.29 6.17
N ARG B 116 -15.32 6.22 6.57
CA ARG B 116 -14.59 4.99 6.78
C ARG B 116 -14.55 4.31 5.42
N LEU B 117 -13.77 4.87 4.51
CA LEU B 117 -13.59 4.26 3.20
C LEU B 117 -12.29 3.47 3.19
N THR B 118 -12.13 2.61 4.19
CA THR B 118 -10.85 1.97 4.49
C THR B 118 -10.26 1.11 3.37
N GLN B 119 -11.08 0.64 2.44
CA GLN B 119 -10.57 -0.24 1.39
C GLN B 119 -10.56 0.44 0.02
N LEU B 120 -10.92 1.71 -0.02
CA LEU B 120 -11.06 2.39 -1.29
C LEU B 120 -9.77 2.34 -2.11
N THR B 121 -9.76 1.44 -3.08
CA THR B 121 -8.58 1.21 -3.88
C THR B 121 -8.47 2.04 -5.16
N GLU B 122 -9.53 2.15 -5.96
CA GLU B 122 -9.40 3.02 -7.13
C GLU B 122 -10.68 3.69 -7.65
N ILE B 123 -10.48 4.69 -8.49
CA ILE B 123 -11.57 5.47 -9.04
C ILE B 123 -11.32 5.64 -10.54
N LEU B 124 -12.07 4.88 -11.33
CA LEU B 124 -11.76 4.69 -12.74
C LEU B 124 -12.03 5.94 -13.56
N SER B 125 -13.06 6.69 -13.18
CA SER B 125 -13.39 7.93 -13.87
C SER B 125 -13.87 9.02 -12.94
N GLY B 126 -13.45 10.25 -13.23
CA GLY B 126 -13.84 11.37 -12.40
C GLY B 126 -12.97 11.61 -11.19
N GLY B 127 -13.26 12.69 -10.48
CA GLY B 127 -12.43 13.12 -9.37
C GLY B 127 -13.17 13.05 -8.04
N VAL B 128 -12.71 13.90 -7.12
CA VAL B 128 -13.14 13.86 -5.72
C VAL B 128 -13.42 15.27 -5.22
N TYR B 129 -14.60 15.50 -4.66
CA TYR B 129 -14.98 16.77 -4.10
C TYR B 129 -15.47 16.56 -2.68
N ILE B 130 -14.64 16.94 -1.71
CA ILE B 130 -15.02 16.89 -0.30
C ILE B 130 -14.79 18.26 0.29
N GLU B 131 -15.88 18.98 0.47
CA GLU B 131 -15.75 20.34 0.93
C GLU B 131 -16.83 20.69 1.93
N LYS B 132 -16.52 21.60 2.83
CA LYS B 132 -17.51 22.16 3.75
C LYS B 132 -18.24 21.16 4.64
N ASN B 133 -17.56 20.11 5.09
CA ASN B 133 -18.10 19.21 6.08
C ASN B 133 -17.34 19.51 7.36
N ASP B 134 -18.01 20.22 8.26
CA ASP B 134 -17.35 20.94 9.35
C ASP B 134 -16.65 20.04 10.38
N LYS B 135 -17.18 18.84 10.60
CA LYS B 135 -16.60 17.94 11.60
C LYS B 135 -15.89 16.73 10.98
N LEU B 136 -15.64 16.81 9.67
CA LEU B 136 -15.02 15.73 8.93
C LEU B 136 -13.50 15.81 9.02
N CYS B 137 -12.90 14.76 9.57
CA CYS B 137 -11.47 14.75 9.80
C CYS B 137 -10.69 13.92 8.79
N HIS B 138 -9.37 14.15 8.78
CA HIS B 138 -8.42 13.31 8.08
C HIS B 138 -8.48 13.35 6.54
N MET B 139 -9.43 14.07 5.94
CA MET B 139 -9.52 14.09 4.47
C MET B 139 -8.38 14.84 3.78
N ASP B 140 -7.65 15.61 4.56
CA ASP B 140 -6.49 16.32 4.07
C ASP B 140 -5.25 15.41 4.11
N THR B 141 -5.40 14.22 4.68
CA THR B 141 -4.28 13.27 4.77
C THR B 141 -4.20 12.32 3.58
N ILE B 142 -5.34 11.98 2.99
CA ILE B 142 -5.39 10.98 1.92
C ILE B 142 -4.64 11.38 0.67
N ASP B 143 -3.85 10.45 0.13
CA ASP B 143 -3.29 10.60 -1.21
C ASP B 143 -4.39 10.26 -2.25
N TRP B 144 -5.24 11.23 -2.56
CA TRP B 144 -6.31 11.00 -3.52
C TRP B 144 -5.75 10.69 -4.91
N ARG B 145 -4.59 11.25 -5.28
CA ARG B 145 -4.07 11.00 -6.64
C ARG B 145 -3.70 9.55 -6.85
N ASP B 146 -3.62 8.81 -5.74
CA ASP B 146 -3.31 7.39 -5.75
C ASP B 146 -4.56 6.58 -6.00
N ILE B 147 -5.69 7.12 -5.59
CA ILE B 147 -6.95 6.42 -5.76
C ILE B 147 -7.57 6.72 -7.12
N VAL B 148 -7.38 7.94 -7.60
CA VAL B 148 -7.94 8.39 -8.86
C VAL B 148 -7.08 7.89 -10.03
N ARG B 149 -7.69 7.25 -11.02
CA ARG B 149 -6.94 6.73 -12.16
C ARG B 149 -6.80 7.73 -13.28
N ASP B 150 -7.59 8.78 -13.19
CA ASP B 150 -7.65 9.77 -14.25
C ASP B 150 -6.66 10.88 -13.90
N ARG B 151 -5.71 11.13 -14.78
CA ARG B 151 -4.64 12.04 -14.44
C ARG B 151 -5.06 13.50 -14.52
N ASP B 152 -6.11 13.79 -15.28
CA ASP B 152 -6.62 15.16 -15.36
C ASP B 152 -7.83 15.41 -14.45
N ALA B 153 -8.15 14.45 -13.59
CA ALA B 153 -9.30 14.57 -12.71
C ALA B 153 -9.12 15.66 -11.65
N GLU B 154 -10.23 16.22 -11.21
CA GLU B 154 -10.21 17.30 -10.23
C GLU B 154 -10.30 16.77 -8.80
N ILE B 155 -9.37 17.21 -7.97
CA ILE B 155 -9.46 16.90 -6.55
C ILE B 155 -9.66 18.19 -5.78
N VAL B 156 -10.74 18.27 -5.05
CA VAL B 156 -11.03 19.48 -4.30
C VAL B 156 -11.36 19.05 -2.89
N VAL B 157 -10.38 19.11 -2.01
CA VAL B 157 -10.69 18.84 -0.62
C VAL B 157 -10.32 20.03 0.23
N LYS B 158 -11.30 20.62 0.92
CA LYS B 158 -11.01 21.89 1.60
C LYS B 158 -12.13 22.38 2.54
N ASP B 159 -11.76 23.23 3.49
CA ASP B 159 -12.70 23.79 4.47
C ASP B 159 -13.52 22.71 5.17
N ASN B 160 -12.84 21.82 5.89
CA ASN B 160 -13.52 20.76 6.63
C ASN B 160 -13.24 20.68 8.13
N GLY B 161 -12.17 19.95 8.44
CA GLY B 161 -11.85 19.53 9.79
C GLY B 161 -11.58 20.41 10.99
N ARG B 162 -10.92 21.55 10.78
CA ARG B 162 -10.37 22.36 11.88
C ARG B 162 -9.19 21.69 12.59
N SER B 163 -9.43 21.28 13.83
CA SER B 163 -8.42 20.60 14.62
C SER B 163 -8.70 19.09 14.72
N CYS B 164 -8.29 18.35 13.69
CA CYS B 164 -8.52 16.92 13.66
C CYS B 164 -7.37 16.18 14.33
N PRO B 165 -7.70 15.15 15.11
CA PRO B 165 -6.67 14.29 15.71
C PRO B 165 -5.76 13.74 14.61
N PRO B 166 -4.50 13.45 14.94
CA PRO B 166 -3.57 13.03 13.89
C PRO B 166 -3.67 11.54 13.55
N CYS B 167 -3.14 11.17 12.37
CA CYS B 167 -3.16 9.78 11.96
C CYS B 167 -2.31 8.99 12.92
N HIS B 168 -2.70 7.75 13.16
CA HIS B 168 -1.93 6.84 14.02
C HIS B 168 -0.53 6.70 13.47
N GLU B 169 0.37 6.34 14.38
CA GLU B 169 1.78 6.25 14.09
C GLU B 169 2.01 5.31 12.91
N VAL B 170 1.24 4.22 12.87
CA VAL B 170 1.33 3.25 11.79
C VAL B 170 1.03 3.78 10.39
N CYS B 171 -0.02 4.60 10.30
CA CYS B 171 -0.63 4.96 9.01
C CYS B 171 0.26 5.83 8.14
N LYS B 172 1.39 6.26 8.68
CA LYS B 172 2.36 7.00 7.90
C LYS B 172 1.78 8.30 7.34
N GLY B 173 0.97 8.99 8.12
CA GLY B 173 0.46 10.29 7.67
C GLY B 173 -0.73 10.29 6.73
N ARG B 174 -1.38 9.14 6.60
CA ARG B 174 -2.50 8.95 5.68
C ARG B 174 -3.59 8.09 6.30
N CYS B 175 -4.75 8.66 6.64
CA CYS B 175 -5.79 7.84 7.29
C CYS B 175 -7.25 8.28 7.07
N TRP B 176 -8.16 7.32 7.19
CA TRP B 176 -9.59 7.56 7.14
C TRP B 176 -10.17 7.67 8.53
N GLY B 177 -9.29 7.71 9.52
CA GLY B 177 -9.72 7.76 10.89
C GLY B 177 -8.53 7.82 11.83
N PRO B 178 -8.81 7.81 13.13
CA PRO B 178 -7.73 7.95 14.11
C PRO B 178 -7.05 6.64 14.40
N GLY B 179 -7.77 5.53 14.24
CA GLY B 179 -7.31 4.21 14.68
C GLY B 179 -6.11 3.67 13.93
N SER B 180 -5.51 2.60 14.46
CA SER B 180 -4.34 2.02 13.81
C SER B 180 -4.72 1.29 12.52
N GLU B 181 -5.95 0.81 12.44
CA GLU B 181 -6.38 0.08 11.25
C GLU B 181 -7.18 0.92 10.25
N ASP B 182 -7.26 2.23 10.50
CA ASP B 182 -7.92 3.18 9.61
C ASP B 182 -6.91 3.82 8.64
N CYS B 183 -5.97 3.03 8.12
CA CYS B 183 -4.93 3.60 7.27
C CYS B 183 -5.28 3.59 5.80
N GLN B 184 -4.68 4.52 5.05
CA GLN B 184 -4.69 4.43 3.60
C GLN B 184 -3.48 3.63 3.13
N THR B 185 -3.71 2.71 2.20
CA THR B 185 -2.62 1.93 1.62
C THR B 185 -2.40 2.26 0.15
N LEU B 186 -1.15 2.55 -0.21
CA LEU B 186 -0.83 3.14 -1.51
C LEU B 186 -1.07 2.36 -2.83
N THR B 187 -1.58 1.14 -2.80
CA THR B 187 -1.99 0.48 -4.06
C THR B 187 -1.08 0.59 -5.33
N LYS B 188 -0.90 1.82 -5.83
CA LYS B 188 -0.25 2.09 -7.11
C LYS B 188 1.28 2.05 -7.13
N THR B 189 1.84 1.55 -8.22
CA THR B 189 3.31 1.52 -8.43
C THR B 189 3.63 1.88 -9.86
N ILE B 190 4.80 2.49 -10.05
CA ILE B 190 5.30 2.81 -11.39
C ILE B 190 5.29 1.58 -12.27
N CYS B 191 4.95 1.77 -13.54
CA CYS B 191 4.68 0.63 -14.40
C CYS B 191 5.66 0.55 -15.55
N ALA B 192 6.10 -0.66 -15.84
CA ALA B 192 6.93 -0.92 -16.99
C ALA B 192 6.15 -0.43 -18.19
N PRO B 193 6.83 0.27 -19.11
CA PRO B 193 6.18 0.89 -20.28
C PRO B 193 5.43 -0.16 -21.09
N GLN B 194 5.82 -1.42 -20.86
CA GLN B 194 5.16 -2.63 -21.35
C GLN B 194 3.68 -2.78 -20.91
N CYS B 195 3.40 -2.36 -19.68
CA CYS B 195 2.08 -2.51 -19.05
C CYS B 195 1.00 -1.44 -19.27
N ASN B 196 1.37 -0.26 -19.75
CA ASN B 196 0.41 0.82 -20.00
C ASN B 196 -0.48 1.17 -18.79
N GLY B 197 0.12 1.30 -17.61
CA GLY B 197 -0.59 1.72 -16.42
C GLY B 197 -1.18 0.59 -15.59
N HIS B 198 -1.22 -0.59 -16.18
CA HIS B 198 -1.88 -1.70 -15.53
C HIS B 198 -0.87 -2.74 -15.08
N CYS B 199 -0.57 -2.74 -13.79
CA CYS B 199 0.52 -3.54 -13.27
C CYS B 199 0.31 -3.77 -11.79
N PHE B 200 0.79 -4.89 -11.27
CA PHE B 200 0.66 -5.09 -9.85
C PHE B 200 2.05 -5.02 -9.19
N GLY B 201 3.01 -4.52 -9.96
CA GLY B 201 4.37 -4.28 -9.53
C GLY B 201 5.14 -3.48 -10.58
N PRO B 202 6.42 -3.15 -10.27
CA PRO B 202 7.28 -2.32 -11.12
C PRO B 202 7.99 -3.08 -12.22
N ASN B 203 8.10 -4.39 -12.07
CA ASN B 203 8.81 -5.25 -13.01
C ASN B 203 8.05 -5.49 -14.30
N PRO B 204 8.77 -5.74 -15.40
CA PRO B 204 8.11 -6.03 -16.68
C PRO B 204 7.31 -7.33 -16.66
N ASN B 205 7.60 -8.24 -15.73
CA ASN B 205 6.84 -9.49 -15.57
C ASN B 205 5.37 -9.25 -15.19
N GLN B 206 5.13 -8.15 -14.48
CA GLN B 206 3.92 -8.00 -13.67
C GLN B 206 2.86 -7.10 -14.30
N CYS B 207 2.55 -7.37 -15.55
CA CYS B 207 1.50 -6.63 -16.22
C CYS B 207 0.14 -7.17 -15.75
N CYS B 208 -0.87 -6.30 -15.71
CA CYS B 208 -2.21 -6.75 -15.34
C CYS B 208 -2.89 -7.43 -16.50
N HIS B 209 -3.83 -8.32 -16.19
CA HIS B 209 -4.59 -9.03 -17.20
C HIS B 209 -5.32 -7.99 -18.07
N ASP B 210 -5.47 -8.28 -19.37
CA ASP B 210 -6.08 -7.31 -20.29
C ASP B 210 -7.46 -6.89 -19.85
N GLU B 211 -8.17 -7.81 -19.19
CA GLU B 211 -9.54 -7.56 -18.79
C GLU B 211 -9.63 -6.73 -17.51
N CYS B 212 -8.61 -5.94 -17.22
CA CYS B 212 -8.54 -5.17 -16.00
C CYS B 212 -8.78 -3.68 -16.25
N ALA B 213 -9.62 -3.07 -15.44
CA ALA B 213 -9.95 -1.67 -15.70
C ALA B 213 -8.87 -0.78 -15.11
N GLY B 214 -8.34 -1.23 -13.98
CA GLY B 214 -7.30 -0.47 -13.33
C GLY B 214 -6.08 -1.29 -13.04
N GLY B 215 -5.91 -1.59 -11.77
CA GLY B 215 -4.74 -2.31 -11.30
C GLY B 215 -5.17 -3.67 -10.81
N CYS B 216 -4.24 -4.41 -10.23
CA CYS B 216 -4.51 -5.76 -9.80
C CYS B 216 -3.56 -6.21 -8.72
N SER B 217 -3.82 -7.41 -8.22
CA SER B 217 -2.95 -8.00 -7.21
C SER B 217 -2.19 -9.20 -7.78
N GLY B 218 -1.98 -9.23 -9.09
CA GLY B 218 -1.49 -10.43 -9.75
C GLY B 218 -2.00 -10.50 -11.18
N PRO B 219 -1.48 -11.46 -11.97
CA PRO B 219 -1.61 -11.48 -13.44
C PRO B 219 -2.94 -12.06 -13.97
N GLN B 220 -3.83 -12.51 -13.09
CA GLN B 220 -5.01 -13.26 -13.56
C GLN B 220 -6.22 -12.37 -13.88
N ASP B 221 -7.21 -12.95 -14.55
CA ASP B 221 -8.48 -12.26 -14.75
C ASP B 221 -9.23 -12.25 -13.42
N THR B 222 -8.80 -13.09 -12.49
CA THR B 222 -9.46 -13.16 -11.20
C THR B 222 -8.84 -12.20 -10.17
N ASP B 223 -7.73 -11.57 -10.53
CA ASP B 223 -6.98 -10.70 -9.60
C ASP B 223 -7.21 -9.21 -9.81
N CYS B 224 -8.20 -8.84 -10.62
CA CYS B 224 -8.41 -7.42 -10.94
C CYS B 224 -9.01 -6.69 -9.77
N PHE B 225 -8.80 -5.39 -9.71
CA PHE B 225 -9.52 -4.58 -8.74
C PHE B 225 -10.90 -4.36 -9.33
N ALA B 226 -10.94 -4.16 -10.64
CA ALA B 226 -12.17 -3.92 -11.39
C ALA B 226 -12.12 -4.43 -12.84
N CYS B 227 -13.29 -4.79 -13.37
CA CYS B 227 -13.37 -5.42 -14.68
C CYS B 227 -13.57 -4.38 -15.77
N ARG B 228 -12.85 -4.49 -16.87
CA ARG B 228 -13.02 -3.58 -18.01
C ARG B 228 -14.38 -3.76 -18.73
N HIS B 229 -14.86 -4.99 -18.84
CA HIS B 229 -16.11 -5.23 -19.54
C HIS B 229 -17.09 -5.99 -18.63
N PHE B 230 -16.90 -7.30 -18.47
CA PHE B 230 -17.83 -8.04 -17.62
C PHE B 230 -17.19 -8.85 -16.50
N ASN B 231 -18.00 -9.14 -15.48
CA ASN B 231 -17.59 -9.85 -14.28
C ASN B 231 -18.40 -11.14 -14.08
N ASP B 232 -17.77 -12.30 -14.29
CA ASP B 232 -18.45 -13.60 -14.14
C ASP B 232 -17.91 -14.33 -12.90
N SER B 233 -18.67 -14.25 -11.81
CA SER B 233 -18.33 -14.89 -10.53
C SER B 233 -16.93 -14.53 -10.01
N GLY B 234 -16.48 -13.32 -10.29
CA GLY B 234 -15.17 -12.90 -9.84
C GLY B 234 -14.14 -12.82 -10.96
N ALA B 235 -14.47 -13.43 -12.11
CA ALA B 235 -13.54 -13.41 -13.23
C ALA B 235 -13.87 -12.33 -14.26
N CYS B 236 -12.88 -11.52 -14.64
CA CYS B 236 -13.04 -10.52 -15.66
C CYS B 236 -13.00 -11.14 -17.05
N VAL B 237 -14.14 -11.11 -17.72
CA VAL B 237 -14.30 -11.74 -19.02
C VAL B 237 -14.75 -10.67 -20.01
N PRO B 238 -14.48 -10.93 -21.32
CA PRO B 238 -14.85 -10.04 -22.43
C PRO B 238 -16.34 -10.12 -22.81
N ARG B 239 -16.99 -11.26 -22.54
CA ARG B 239 -18.44 -11.41 -22.73
C ARG B 239 -19.01 -12.39 -21.70
N CYS B 240 -20.32 -12.38 -21.48
CA CYS B 240 -20.88 -13.33 -20.51
C CYS B 240 -21.09 -14.61 -21.26
N PRO B 241 -21.07 -15.74 -20.54
CA PRO B 241 -21.30 -16.98 -21.30
C PRO B 241 -22.62 -16.89 -22.08
N GLN B 242 -22.48 -17.05 -23.40
CA GLN B 242 -23.52 -16.77 -24.41
C GLN B 242 -24.75 -17.66 -24.34
N PRO B 243 -25.85 -17.21 -24.94
CA PRO B 243 -27.02 -18.10 -24.96
C PRO B 243 -26.82 -19.32 -25.85
N LEU B 244 -26.04 -19.20 -26.93
CA LEU B 244 -25.87 -20.29 -27.88
C LEU B 244 -24.42 -20.61 -28.14
N VAL B 245 -24.10 -21.90 -28.03
CA VAL B 245 -22.72 -22.35 -28.08
C VAL B 245 -22.55 -23.46 -29.12
N TYR B 246 -21.49 -23.39 -29.92
CA TYR B 246 -21.26 -24.43 -30.90
C TYR B 246 -21.04 -25.76 -30.21
N ASN B 247 -21.61 -26.82 -30.75
CA ASN B 247 -21.44 -28.15 -30.22
C ASN B 247 -20.72 -28.99 -31.24
N LYS B 248 -19.54 -29.48 -30.88
CA LYS B 248 -18.71 -30.24 -31.80
C LYS B 248 -19.24 -31.61 -32.17
N LEU B 249 -20.23 -32.11 -31.43
CA LEU B 249 -20.81 -33.41 -31.76
C LEU B 249 -22.11 -33.31 -32.51
N THR B 250 -22.63 -32.09 -32.52
CA THR B 250 -23.92 -31.77 -33.08
C THR B 250 -23.75 -30.86 -34.29
N PHE B 251 -22.57 -30.27 -34.41
CA PHE B 251 -22.20 -29.42 -35.55
C PHE B 251 -23.11 -28.20 -35.77
N GLN B 252 -23.72 -27.71 -34.69
CA GLN B 252 -24.59 -26.54 -34.77
C GLN B 252 -24.52 -25.81 -33.43
N LEU B 253 -25.05 -24.59 -33.40
CA LEU B 253 -25.21 -23.92 -32.14
C LEU B 253 -26.25 -24.70 -31.35
N GLU B 254 -26.18 -24.60 -30.04
CA GLU B 254 -27.10 -25.31 -29.18
C GLU B 254 -27.35 -24.41 -28.00
N PRO B 255 -28.48 -24.57 -27.34
CA PRO B 255 -28.75 -23.80 -26.12
C PRO B 255 -27.68 -24.03 -25.08
N ASN B 256 -27.29 -22.97 -24.38
CA ASN B 256 -26.23 -23.11 -23.40
C ASN B 256 -26.79 -23.05 -21.99
N PRO B 257 -26.71 -24.18 -21.28
CA PRO B 257 -27.26 -24.28 -19.93
C PRO B 257 -26.49 -23.43 -18.92
N HIS B 258 -25.33 -22.93 -19.34
CA HIS B 258 -24.48 -22.12 -18.48
C HIS B 258 -24.56 -20.67 -18.88
N THR B 259 -25.68 -20.30 -19.47
CA THR B 259 -25.81 -18.94 -19.95
C THR B 259 -25.95 -18.02 -18.77
N LYS B 260 -25.44 -16.80 -18.95
CA LYS B 260 -25.62 -15.80 -17.92
C LYS B 260 -25.98 -14.54 -18.70
N TYR B 261 -26.72 -13.61 -18.09
CA TYR B 261 -27.12 -12.44 -18.84
C TYR B 261 -26.49 -11.19 -18.27
N GLN B 262 -26.51 -10.12 -19.07
CA GLN B 262 -25.82 -8.91 -18.68
C GLN B 262 -26.70 -8.04 -17.83
N TYR B 263 -26.30 -7.80 -16.59
CA TYR B 263 -26.88 -6.70 -15.81
C TYR B 263 -25.73 -5.72 -15.58
N GLY B 264 -25.72 -4.68 -16.39
CA GLY B 264 -24.64 -3.72 -16.40
C GLY B 264 -23.38 -4.41 -16.88
N GLY B 265 -22.44 -4.61 -15.96
CA GLY B 265 -21.17 -5.23 -16.31
C GLY B 265 -21.04 -6.55 -15.59
N VAL B 266 -22.08 -6.92 -14.86
CA VAL B 266 -22.09 -8.17 -14.11
C VAL B 266 -22.95 -9.25 -14.80
N CYS B 267 -22.32 -10.35 -15.15
CA CYS B 267 -23.02 -11.54 -15.61
C CYS B 267 -23.78 -12.13 -14.45
N VAL B 268 -25.07 -12.33 -14.61
CA VAL B 268 -25.84 -12.91 -13.54
C VAL B 268 -26.55 -14.14 -14.08
N ALA B 269 -26.87 -15.10 -13.23
CA ALA B 269 -27.59 -16.28 -13.69
C ALA B 269 -29.05 -15.95 -13.90
N SER B 270 -29.60 -15.11 -13.04
CA SER B 270 -30.98 -14.70 -13.22
C SER B 270 -31.09 -13.19 -13.07
N CYS B 271 -32.02 -12.57 -13.79
CA CYS B 271 -32.14 -11.13 -13.78
C CYS B 271 -32.72 -10.64 -12.47
N PRO B 272 -32.39 -9.38 -12.08
CA PRO B 272 -33.00 -8.75 -10.89
C PRO B 272 -34.51 -8.98 -11.03
N HIS B 273 -35.23 -9.18 -9.96
CA HIS B 273 -36.49 -9.94 -10.04
C HIS B 273 -37.79 -9.43 -10.70
N ASN B 274 -37.80 -8.18 -11.12
CA ASN B 274 -38.78 -7.80 -12.11
C ASN B 274 -38.15 -7.20 -13.33
N PHE B 275 -36.87 -7.52 -13.55
CA PHE B 275 -36.27 -7.30 -14.86
C PHE B 275 -36.70 -8.44 -15.75
N VAL B 276 -36.37 -8.34 -17.04
CA VAL B 276 -36.73 -9.34 -18.03
C VAL B 276 -35.59 -9.47 -19.03
N VAL B 277 -35.55 -10.54 -19.81
CA VAL B 277 -34.36 -10.76 -20.65
C VAL B 277 -34.62 -10.35 -22.08
N ASP B 278 -33.80 -9.45 -22.61
CA ASP B 278 -33.88 -9.19 -24.04
C ASP B 278 -32.56 -9.72 -24.54
N GLN B 279 -32.66 -10.85 -25.26
CA GLN B 279 -31.56 -11.79 -25.59
C GLN B 279 -30.18 -11.34 -25.13
N THR B 280 -29.58 -12.12 -24.25
CA THR B 280 -28.25 -11.88 -23.65
C THR B 280 -28.18 -10.71 -22.64
N SER B 281 -29.21 -9.85 -22.55
CA SER B 281 -29.16 -8.72 -21.59
C SER B 281 -30.34 -8.64 -20.63
N CYS B 282 -30.13 -8.09 -19.44
CA CYS B 282 -31.24 -7.79 -18.52
C CYS B 282 -31.74 -6.37 -18.77
N VAL B 283 -33.06 -6.22 -18.91
CA VAL B 283 -33.67 -4.91 -19.18
C VAL B 283 -34.90 -4.77 -18.30
N ARG B 284 -35.38 -3.55 -18.09
CA ARG B 284 -36.55 -3.36 -17.23
C ARG B 284 -37.87 -3.60 -17.97
N ALA B 285 -37.87 -3.37 -19.29
CA ALA B 285 -39.04 -3.65 -20.15
C ALA B 285 -38.64 -3.89 -21.62
N CYS B 286 -39.45 -4.64 -22.38
CA CYS B 286 -39.03 -5.01 -23.74
C CYS B 286 -38.88 -3.83 -24.70
N PRO B 287 -38.05 -3.98 -25.75
CA PRO B 287 -38.01 -2.88 -26.70
C PRO B 287 -39.34 -2.82 -27.49
N PRO B 288 -39.56 -1.75 -28.29
CA PRO B 288 -40.86 -1.63 -28.98
C PRO B 288 -41.16 -2.67 -30.07
N ASP B 289 -40.12 -3.34 -30.55
CA ASP B 289 -40.26 -4.36 -31.60
C ASP B 289 -40.45 -5.75 -31.02
N LYS B 290 -40.49 -5.87 -29.70
CA LYS B 290 -40.63 -7.20 -29.11
C LYS B 290 -41.62 -7.20 -27.95
N MET B 291 -41.97 -8.40 -27.49
CA MET B 291 -43.02 -8.60 -26.50
C MET B 291 -42.58 -9.65 -25.48
N GLU B 292 -42.99 -9.44 -24.24
CA GLU B 292 -42.64 -10.29 -23.12
C GLU B 292 -43.32 -11.64 -23.13
N VAL B 293 -42.61 -12.67 -23.54
CA VAL B 293 -43.12 -14.03 -23.47
C VAL B 293 -42.51 -14.70 -22.25
N ASP B 294 -43.26 -15.61 -21.63
CA ASP B 294 -42.76 -16.44 -20.53
C ASP B 294 -42.42 -17.83 -21.07
N LYS B 295 -41.15 -18.24 -20.96
CA LYS B 295 -40.74 -19.54 -21.48
C LYS B 295 -40.39 -20.46 -20.31
N ASN B 296 -41.36 -21.26 -19.89
CA ASN B 296 -41.20 -22.24 -18.83
C ASN B 296 -40.81 -21.51 -17.53
N GLY B 297 -41.39 -20.32 -17.36
CA GLY B 297 -41.06 -19.46 -16.24
C GLY B 297 -39.86 -18.57 -16.44
N LEU B 298 -39.36 -18.49 -17.67
CA LEU B 298 -38.31 -17.53 -17.97
C LEU B 298 -38.83 -16.35 -18.77
N LYS B 299 -39.02 -15.23 -18.07
CA LYS B 299 -39.51 -13.99 -18.68
C LYS B 299 -38.48 -13.46 -19.66
N MET B 300 -38.80 -13.48 -20.94
CA MET B 300 -37.89 -12.97 -21.96
C MET B 300 -38.61 -12.09 -22.96
N CYS B 301 -37.85 -11.54 -23.90
CA CYS B 301 -38.41 -10.70 -24.93
C CYS B 301 -38.28 -11.39 -26.29
N GLU B 302 -39.41 -11.69 -26.92
CA GLU B 302 -39.42 -12.33 -28.23
C GLU B 302 -39.84 -11.32 -29.27
N PRO B 303 -39.28 -11.42 -30.49
CA PRO B 303 -39.64 -10.48 -31.56
C PRO B 303 -41.08 -10.66 -32.02
N CYS B 304 -41.77 -9.53 -32.20
CA CYS B 304 -43.15 -9.59 -32.66
C CYS B 304 -43.12 -9.84 -34.15
N GLY B 305 -43.91 -10.81 -34.60
CA GLY B 305 -43.98 -11.10 -36.02
C GLY B 305 -44.73 -9.98 -36.75
N GLY B 306 -44.04 -8.87 -36.95
CA GLY B 306 -44.62 -7.72 -37.59
C GLY B 306 -44.83 -6.57 -36.63
N LEU B 307 -46.03 -6.49 -36.08
CA LEU B 307 -46.29 -5.47 -35.08
C LEU B 307 -46.78 -6.13 -33.82
N CYS B 308 -46.79 -5.39 -32.73
CA CYS B 308 -46.99 -6.00 -31.43
C CYS B 308 -48.43 -5.92 -31.00
N PRO B 309 -48.92 -7.04 -30.45
CA PRO B 309 -50.30 -7.22 -30.00
C PRO B 309 -50.83 -6.03 -29.21
N LYS B 310 -51.54 -5.13 -29.87
CA LYS B 310 -52.24 -4.05 -29.18
C LYS B 310 -53.76 -4.26 -29.25
N ALA B 311 -54.40 -4.28 -28.09
CA ALA B 311 -55.85 -4.34 -28.05
C ALA B 311 -56.44 -2.93 -27.79
N CYS B 312 -57.54 -2.61 -28.47
CA CYS B 312 -58.24 -1.33 -28.25
C CYS B 312 -59.69 -1.68 -27.96
N GLU B 313 -60.40 -0.83 -27.23
CA GLU B 313 -61.83 -1.11 -27.06
C GLU B 313 -62.55 -0.65 -28.32
N GLY B 314 -63.61 -1.36 -28.67
CA GLY B 314 -64.35 -1.15 -29.89
C GLY B 314 -65.49 -0.14 -29.84
N THR B 315 -66.53 -0.42 -30.61
CA THR B 315 -67.64 0.51 -30.82
C THR B 315 -69.00 -0.13 -30.49
N GLY B 316 -69.99 0.69 -30.13
CA GLY B 316 -71.34 0.20 -29.91
C GLY B 316 -71.66 0.05 -28.45
N SER B 317 -72.57 -0.88 -28.14
CA SER B 317 -73.00 -1.11 -26.75
C SER B 317 -71.85 -1.52 -25.85
N GLY B 318 -71.58 -0.73 -24.82
CA GLY B 318 -70.53 -1.00 -23.86
C GLY B 318 -69.35 -0.09 -24.10
N SER B 319 -69.49 0.68 -25.17
CA SER B 319 -68.58 1.78 -25.45
C SER B 319 -69.64 2.83 -25.61
N ARG B 320 -69.29 4.10 -25.68
CA ARG B 320 -70.28 5.08 -26.08
C ARG B 320 -69.87 6.00 -27.25
N PHE B 321 -68.98 5.48 -28.11
CA PHE B 321 -69.13 5.71 -29.54
C PHE B 321 -70.16 4.68 -29.97
N GLN B 322 -71.01 5.07 -30.90
CA GLN B 322 -71.98 4.13 -31.45
C GLN B 322 -71.62 3.89 -32.91
N THR B 323 -70.59 4.60 -33.36
CA THR B 323 -70.00 4.29 -34.65
C THR B 323 -68.56 4.78 -34.78
N VAL B 324 -67.81 4.12 -35.65
CA VAL B 324 -66.51 4.60 -36.07
C VAL B 324 -66.76 5.89 -36.83
N ASP B 325 -66.00 6.94 -36.51
CA ASP B 325 -66.19 8.23 -37.16
C ASP B 325 -64.86 8.98 -37.26
N SER B 326 -64.89 10.19 -37.81
CA SER B 326 -63.65 10.89 -38.05
C SER B 326 -63.06 11.42 -36.77
N SER B 327 -63.82 11.35 -35.68
CA SER B 327 -63.30 11.77 -34.38
C SER B 327 -62.63 10.65 -33.56
N ASN B 328 -62.92 9.40 -33.87
CA ASN B 328 -62.47 8.32 -33.00
C ASN B 328 -61.55 7.33 -33.72
N ILE B 329 -61.48 7.44 -35.04
CA ILE B 329 -60.88 6.40 -35.87
C ILE B 329 -59.40 6.15 -35.52
N ASP B 330 -58.63 7.20 -35.27
CA ASP B 330 -57.20 7.07 -35.06
C ASP B 330 -56.91 6.23 -33.82
N GLY B 331 -57.88 6.20 -32.90
CA GLY B 331 -57.78 5.42 -31.68
C GLY B 331 -57.68 3.94 -31.99
N PHE B 332 -57.57 3.62 -33.28
CA PHE B 332 -57.39 2.26 -33.73
C PHE B 332 -56.04 2.02 -34.41
N VAL B 333 -55.25 3.07 -34.60
CA VAL B 333 -53.97 2.90 -35.29
C VAL B 333 -53.14 1.80 -34.63
N ASN B 334 -52.58 0.91 -35.44
CA ASN B 334 -51.75 -0.18 -34.95
C ASN B 334 -52.43 -1.13 -33.96
N CYS B 335 -53.74 -1.29 -34.07
CA CYS B 335 -54.49 -2.14 -33.14
C CYS B 335 -54.76 -3.51 -33.76
N THR B 336 -54.39 -4.59 -33.07
CA THR B 336 -54.50 -5.94 -33.64
C THR B 336 -55.68 -6.73 -33.10
N LYS B 337 -56.15 -6.38 -31.90
CA LYS B 337 -57.32 -7.03 -31.33
C LYS B 337 -58.31 -5.96 -30.90
N ILE B 338 -59.59 -6.15 -31.21
CA ILE B 338 -60.64 -5.22 -30.81
C ILE B 338 -61.43 -5.79 -29.64
N LEU B 339 -61.33 -5.14 -28.48
CA LEU B 339 -62.13 -5.49 -27.30
C LEU B 339 -63.49 -4.80 -27.41
N GLY B 340 -64.48 -5.56 -27.86
CA GLY B 340 -65.78 -5.01 -28.17
C GLY B 340 -66.07 -5.18 -29.64
N ASN B 341 -66.83 -4.24 -30.20
CA ASN B 341 -67.37 -4.40 -31.54
C ASN B 341 -66.84 -3.34 -32.50
N LEU B 342 -67.13 -3.51 -33.77
CA LEU B 342 -66.84 -2.48 -34.75
C LEU B 342 -68.07 -2.14 -35.59
N ASP B 343 -68.64 -0.96 -35.36
CA ASP B 343 -69.85 -0.47 -36.07
C ASP B 343 -69.53 0.61 -37.09
N PHE B 344 -69.94 0.40 -38.33
CA PHE B 344 -69.75 1.36 -39.40
C PHE B 344 -71.06 1.95 -39.96
N LEU B 345 -71.62 2.94 -39.24
CA LEU B 345 -72.89 3.56 -39.59
C LEU B 345 -72.75 4.72 -40.60
N ILE B 346 -73.88 5.22 -41.09
CA ILE B 346 -73.90 6.25 -42.14
C ILE B 346 -73.46 7.63 -41.65
N THR B 347 -73.91 7.99 -40.44
CA THR B 347 -73.50 9.26 -39.85
C THR B 347 -71.99 9.27 -39.60
N GLY B 348 -71.43 8.13 -39.17
CA GLY B 348 -70.00 8.05 -38.99
C GLY B 348 -69.25 8.25 -40.29
N LEU B 349 -69.69 7.56 -41.32
CA LEU B 349 -68.99 7.58 -42.61
C LEU B 349 -69.07 8.93 -43.31
N ASN B 350 -70.30 9.48 -43.36
CA ASN B 350 -70.60 10.67 -44.12
C ASN B 350 -70.62 11.96 -43.31
N GLY B 351 -70.51 11.80 -42.00
CA GLY B 351 -70.42 12.94 -41.11
C GLY B 351 -71.77 13.29 -40.55
N ASP B 352 -71.76 14.14 -39.53
CA ASP B 352 -72.98 14.57 -38.88
C ASP B 352 -72.88 16.09 -38.76
N PRO B 353 -73.28 16.82 -39.83
CA PRO B 353 -73.05 18.26 -39.95
C PRO B 353 -73.77 19.04 -38.85
N TRP B 354 -74.70 18.37 -38.19
CA TRP B 354 -75.53 19.02 -37.20
C TRP B 354 -74.85 19.16 -35.83
N HIS B 355 -74.06 18.15 -35.46
CA HIS B 355 -73.30 18.11 -34.21
C HIS B 355 -71.84 18.02 -34.65
N LYS B 356 -71.55 18.85 -35.66
CA LYS B 356 -70.57 18.63 -36.72
C LYS B 356 -69.33 17.76 -36.41
N ILE B 357 -69.47 16.52 -36.85
CA ILE B 357 -68.39 15.57 -36.99
C ILE B 357 -68.13 15.50 -38.48
N PRO B 358 -66.95 15.92 -38.92
CA PRO B 358 -66.70 16.00 -40.36
C PRO B 358 -66.80 14.64 -41.04
N ALA B 359 -66.75 14.62 -42.37
CA ALA B 359 -66.90 13.38 -43.09
C ALA B 359 -65.63 12.59 -42.96
N LEU B 360 -65.77 11.34 -42.53
CA LEU B 360 -64.67 10.40 -42.40
C LEU B 360 -63.83 10.31 -43.68
N ASP B 361 -62.51 10.47 -43.53
CA ASP B 361 -61.61 10.21 -44.64
C ASP B 361 -61.56 8.72 -44.91
N PRO B 362 -61.92 8.31 -46.14
CA PRO B 362 -61.94 6.89 -46.53
C PRO B 362 -60.61 6.16 -46.31
N GLU B 363 -59.49 6.78 -46.67
CA GLU B 363 -58.20 6.11 -46.58
C GLU B 363 -57.92 5.74 -45.13
N LYS B 364 -58.48 6.53 -44.23
CA LYS B 364 -58.27 6.29 -42.80
C LYS B 364 -58.90 4.96 -42.37
N LEU B 365 -59.46 4.21 -43.32
CA LEU B 365 -60.07 2.93 -42.97
C LEU B 365 -59.00 1.84 -42.99
N ASN B 366 -57.88 2.15 -43.64
CA ASN B 366 -56.77 1.22 -43.72
C ASN B 366 -56.10 0.94 -42.39
N VAL B 367 -56.37 1.81 -41.41
CA VAL B 367 -55.96 1.56 -40.05
C VAL B 367 -56.48 0.21 -39.57
N PHE B 368 -57.51 -0.34 -40.21
CA PHE B 368 -58.05 -1.62 -39.75
C PHE B 368 -57.36 -2.81 -40.39
N ARG B 369 -56.49 -2.56 -41.37
CA ARG B 369 -55.73 -3.64 -42.03
C ARG B 369 -54.96 -4.49 -41.00
N THR B 370 -54.62 -3.84 -39.89
CA THR B 370 -53.84 -4.43 -38.84
C THR B 370 -54.65 -5.28 -37.84
N VAL B 371 -55.98 -5.32 -37.98
CA VAL B 371 -56.83 -6.06 -37.04
C VAL B 371 -56.90 -7.56 -37.36
N ARG B 372 -56.68 -8.41 -36.35
CA ARG B 372 -56.78 -9.86 -36.57
C ARG B 372 -57.95 -10.49 -35.87
N GLU B 373 -58.32 -9.92 -34.72
CA GLU B 373 -59.50 -10.41 -34.00
C GLU B 373 -60.49 -9.31 -33.64
N ILE B 374 -61.77 -9.64 -33.74
CA ILE B 374 -62.83 -8.84 -33.18
C ILE B 374 -63.59 -9.72 -32.20
N THR B 375 -63.65 -9.24 -30.96
CA THR B 375 -64.20 -10.08 -29.91
C THR B 375 -65.71 -10.24 -30.01
N GLY B 376 -66.40 -9.18 -30.43
CA GLY B 376 -67.84 -9.20 -30.53
C GLY B 376 -68.32 -9.35 -31.96
N TYR B 377 -69.03 -8.32 -32.45
CA TYR B 377 -69.54 -8.32 -33.82
C TYR B 377 -68.89 -7.27 -34.74
N LEU B 378 -68.90 -7.57 -36.03
CA LEU B 378 -68.61 -6.60 -37.09
C LEU B 378 -69.91 -6.19 -37.74
N ASN B 379 -70.08 -4.89 -37.93
CA ASN B 379 -71.35 -4.33 -38.37
C ASN B 379 -71.13 -3.26 -39.40
N ILE B 380 -71.36 -3.60 -40.67
CA ILE B 380 -71.14 -2.69 -41.77
C ILE B 380 -72.43 -2.36 -42.49
N GLN B 381 -72.88 -1.11 -42.28
CA GLN B 381 -74.11 -0.60 -42.87
C GLN B 381 -73.79 0.51 -43.86
N SER B 382 -72.54 0.94 -43.86
CA SER B 382 -72.12 1.98 -44.79
C SER B 382 -70.64 1.80 -45.14
N TRP B 383 -70.29 2.09 -46.39
CA TRP B 383 -68.92 1.95 -46.85
C TRP B 383 -68.65 2.98 -47.92
N PRO B 384 -67.41 3.44 -48.03
CA PRO B 384 -67.11 4.37 -49.13
C PRO B 384 -67.34 3.70 -50.48
N PRO B 385 -68.07 4.39 -51.36
CA PRO B 385 -68.54 3.82 -52.62
C PRO B 385 -67.43 3.42 -53.58
N HIS B 386 -66.21 3.93 -53.41
CA HIS B 386 -65.15 3.57 -54.35
C HIS B 386 -64.42 2.30 -53.92
N MET B 387 -64.54 1.93 -52.64
CA MET B 387 -63.94 0.71 -52.12
C MET B 387 -64.89 -0.44 -52.37
N HIS B 388 -64.51 -1.36 -53.24
CA HIS B 388 -65.46 -2.38 -53.70
C HIS B 388 -65.58 -3.61 -52.82
N ASN B 389 -64.80 -3.66 -51.75
CA ASN B 389 -64.77 -4.83 -50.88
C ASN B 389 -64.27 -4.45 -49.49
N PHE B 390 -64.49 -5.32 -48.52
CA PHE B 390 -63.96 -5.06 -47.20
C PHE B 390 -62.55 -5.60 -47.05
N SER B 391 -61.67 -5.28 -48.00
CA SER B 391 -60.33 -5.87 -48.01
C SER B 391 -59.44 -5.27 -46.92
N VAL B 392 -59.88 -4.18 -46.29
CA VAL B 392 -59.13 -3.64 -45.16
C VAL B 392 -59.23 -4.60 -43.98
N PHE B 393 -60.10 -5.60 -44.06
CA PHE B 393 -60.11 -6.65 -43.06
C PHE B 393 -59.55 -7.98 -43.61
N SER B 394 -58.60 -7.89 -44.55
CA SER B 394 -57.95 -9.08 -45.14
C SER B 394 -57.19 -9.87 -44.10
N ASN B 395 -56.91 -9.24 -42.96
CA ASN B 395 -56.15 -9.91 -41.93
C ASN B 395 -57.00 -10.31 -40.75
N LEU B 396 -58.30 -10.03 -40.82
CA LEU B 396 -59.21 -10.43 -39.75
C LEU B 396 -59.40 -11.94 -39.80
N THR B 397 -59.09 -12.64 -38.71
CA THR B 397 -59.18 -14.11 -38.69
C THR B 397 -60.36 -14.59 -37.87
N THR B 398 -60.68 -13.83 -36.83
CA THR B 398 -61.65 -14.29 -35.84
C THR B 398 -62.70 -13.26 -35.41
N ILE B 399 -63.97 -13.60 -35.60
CA ILE B 399 -65.04 -12.84 -35.00
C ILE B 399 -65.62 -13.66 -33.85
N GLY B 400 -65.51 -13.12 -32.65
CA GLY B 400 -65.93 -13.82 -31.46
C GLY B 400 -67.44 -13.96 -31.31
N GLY B 401 -68.13 -12.83 -31.33
CA GLY B 401 -69.56 -12.85 -31.18
C GLY B 401 -69.98 -13.06 -29.74
N ARG B 402 -69.13 -12.64 -28.80
CA ARG B 402 -69.46 -12.80 -27.38
C ARG B 402 -70.26 -11.58 -26.91
N SER B 403 -70.46 -10.65 -27.83
CA SER B 403 -71.54 -9.66 -27.72
C SER B 403 -72.09 -9.47 -29.12
N LEU B 404 -73.40 -9.42 -29.23
CA LEU B 404 -74.04 -9.40 -30.54
C LEU B 404 -74.77 -8.10 -30.84
N TYR B 405 -75.30 -8.03 -32.06
CA TYR B 405 -75.98 -6.85 -32.58
C TYR B 405 -77.34 -7.24 -33.14
N ASN B 406 -78.35 -6.45 -32.81
CA ASN B 406 -79.73 -6.67 -33.28
C ASN B 406 -80.22 -8.08 -32.88
N ARG B 407 -80.62 -8.89 -33.87
CA ARG B 407 -81.19 -10.20 -33.60
C ARG B 407 -80.11 -11.27 -33.63
N GLY B 408 -79.19 -11.19 -32.67
CA GLY B 408 -78.15 -12.18 -32.43
C GLY B 408 -77.10 -12.31 -33.52
N PHE B 409 -76.76 -11.18 -34.13
CA PHE B 409 -75.84 -11.16 -35.26
C PHE B 409 -74.41 -10.81 -34.82
N SER B 410 -73.46 -11.64 -35.25
CA SER B 410 -72.03 -11.36 -35.06
C SER B 410 -71.46 -10.66 -36.28
N LEU B 411 -71.91 -11.05 -37.46
CA LEU B 411 -71.46 -10.37 -38.66
C LEU B 411 -72.70 -9.87 -39.35
N LEU B 412 -72.75 -8.57 -39.62
CA LEU B 412 -73.90 -8.00 -40.33
C LEU B 412 -73.40 -7.07 -41.44
N ILE B 413 -73.78 -7.37 -42.67
CA ILE B 413 -73.44 -6.52 -43.81
C ILE B 413 -74.66 -6.13 -44.59
N MET B 414 -75.08 -4.88 -44.47
CA MET B 414 -76.39 -4.49 -44.98
C MET B 414 -76.39 -3.22 -45.83
N LYS B 415 -77.05 -3.31 -46.98
CA LYS B 415 -77.34 -2.15 -47.83
C LYS B 415 -76.04 -1.44 -48.26
N ASN B 416 -75.04 -2.26 -48.60
CA ASN B 416 -73.82 -1.76 -49.20
C ASN B 416 -73.88 -2.02 -50.69
N LEU B 417 -74.28 -0.99 -51.42
CA LEU B 417 -74.62 -1.15 -52.84
C LEU B 417 -73.45 -1.18 -53.82
N GLN B 418 -72.26 -0.76 -53.39
CA GLN B 418 -71.15 -0.66 -54.34
C GLN B 418 -70.19 -1.81 -54.17
N VAL B 419 -70.46 -2.64 -53.17
CA VAL B 419 -69.53 -3.71 -52.82
C VAL B 419 -69.78 -4.88 -53.77
N THR B 420 -68.70 -5.32 -54.40
CA THR B 420 -68.69 -6.43 -55.34
C THR B 420 -68.43 -7.76 -54.62
N SER B 421 -67.60 -7.70 -53.57
CA SER B 421 -67.02 -8.87 -52.87
C SER B 421 -66.73 -8.63 -51.37
N LEU B 422 -66.69 -9.70 -50.58
CA LEU B 422 -66.45 -9.57 -49.13
C LEU B 422 -64.97 -9.27 -48.82
N GLY B 423 -64.08 -10.12 -49.31
CA GLY B 423 -62.65 -9.88 -49.17
C GLY B 423 -62.09 -10.20 -47.80
N PHE B 424 -62.86 -10.91 -46.98
CA PHE B 424 -62.38 -11.37 -45.70
C PHE B 424 -61.51 -12.60 -45.96
N ARG B 425 -60.38 -12.32 -46.60
CA ARG B 425 -59.39 -13.29 -47.03
C ARG B 425 -59.06 -14.33 -45.96
N SER B 426 -58.78 -13.84 -44.77
CA SER B 426 -58.16 -14.68 -43.76
C SER B 426 -59.10 -15.02 -42.61
N LEU B 427 -60.39 -14.75 -42.78
CA LEU B 427 -61.40 -15.12 -41.79
C LEU B 427 -61.57 -16.65 -41.76
N LYS B 428 -61.37 -17.27 -40.60
CA LYS B 428 -61.57 -18.71 -40.45
C LYS B 428 -62.52 -19.09 -39.32
N GLU B 429 -62.75 -18.18 -38.37
CA GLU B 429 -63.65 -18.48 -37.28
C GLU B 429 -64.61 -17.36 -36.90
N ILE B 430 -65.90 -17.64 -37.04
CA ILE B 430 -66.92 -16.82 -36.38
C ILE B 430 -67.44 -17.72 -35.27
N SER B 431 -67.07 -17.38 -34.04
CA SER B 431 -67.18 -18.33 -32.94
C SER B 431 -68.64 -18.54 -32.55
N ALA B 432 -69.42 -17.46 -32.63
CA ALA B 432 -70.82 -17.48 -32.27
C ALA B 432 -71.61 -16.34 -32.92
N GLY B 433 -72.94 -16.44 -32.88
CA GLY B 433 -73.82 -15.41 -33.38
C GLY B 433 -74.34 -15.71 -34.78
N ARG B 434 -75.06 -14.79 -35.39
CA ARG B 434 -75.63 -15.08 -36.71
C ARG B 434 -75.11 -14.14 -37.76
N ILE B 435 -75.27 -14.58 -39.00
CA ILE B 435 -74.70 -13.87 -40.14
C ILE B 435 -75.78 -13.27 -41.00
N TYR B 436 -75.72 -11.94 -41.11
CA TYR B 436 -76.67 -11.20 -41.90
C TYR B 436 -75.96 -10.53 -43.06
N ILE B 437 -76.26 -10.95 -44.29
CA ILE B 437 -75.71 -10.30 -45.46
C ILE B 437 -76.85 -10.09 -46.48
N SER B 438 -77.46 -8.90 -46.45
CA SER B 438 -78.66 -8.59 -47.27
C SER B 438 -78.65 -7.20 -47.87
N ALA B 439 -79.28 -7.09 -49.02
CA ALA B 439 -79.44 -5.82 -49.72
C ALA B 439 -78.08 -5.27 -50.21
N ASN B 440 -77.18 -6.16 -50.56
CA ASN B 440 -75.89 -5.72 -51.10
C ASN B 440 -75.89 -6.05 -52.55
N ARG B 441 -76.70 -5.30 -53.24
CA ARG B 441 -77.20 -5.66 -54.54
C ARG B 441 -76.19 -5.91 -55.64
N GLN B 442 -74.96 -5.51 -55.40
CA GLN B 442 -73.92 -5.84 -56.33
C GLN B 442 -72.93 -6.84 -55.74
N LEU B 443 -73.35 -7.58 -54.72
CA LEU B 443 -72.46 -8.53 -54.06
C LEU B 443 -72.39 -9.90 -54.71
N CYS B 444 -71.20 -10.26 -55.18
CA CYS B 444 -70.98 -11.61 -55.71
C CYS B 444 -70.02 -12.43 -54.83
N TYR B 445 -69.68 -13.62 -55.33
CA TYR B 445 -68.65 -14.50 -54.75
C TYR B 445 -69.03 -15.18 -53.44
N HIS B 446 -70.17 -14.84 -52.86
CA HIS B 446 -70.59 -15.40 -51.57
C HIS B 446 -71.61 -16.53 -51.70
N HIS B 447 -72.06 -16.76 -52.94
CA HIS B 447 -73.13 -17.72 -53.15
C HIS B 447 -72.67 -19.13 -52.83
N SER B 448 -71.50 -19.49 -53.32
CA SER B 448 -70.99 -20.85 -53.18
C SER B 448 -70.31 -21.11 -51.83
N LEU B 449 -70.16 -20.07 -51.01
CA LEU B 449 -69.36 -20.16 -49.80
C LEU B 449 -70.02 -21.06 -48.75
N ASN B 450 -69.23 -21.97 -48.20
CA ASN B 450 -69.70 -22.94 -47.21
C ASN B 450 -69.42 -22.43 -45.80
N TRP B 451 -70.39 -21.71 -45.24
CA TRP B 451 -70.25 -21.01 -43.95
C TRP B 451 -69.97 -21.91 -42.75
N THR B 452 -70.32 -23.19 -42.85
CA THR B 452 -70.17 -24.12 -41.73
C THR B 452 -68.70 -24.43 -41.42
N LYS B 453 -67.82 -24.22 -42.40
CA LYS B 453 -66.40 -24.42 -42.15
C LYS B 453 -65.83 -23.25 -41.37
N VAL B 454 -66.56 -22.15 -41.42
CA VAL B 454 -66.19 -20.90 -40.76
C VAL B 454 -67.03 -20.65 -39.50
N LEU B 455 -68.31 -20.98 -39.60
CA LEU B 455 -69.29 -20.66 -38.57
C LEU B 455 -69.39 -21.83 -37.61
N ARG B 456 -69.29 -21.55 -36.33
CA ARG B 456 -69.26 -22.63 -35.37
C ARG B 456 -70.45 -22.72 -34.45
N GLY B 457 -70.77 -23.95 -34.06
CA GLY B 457 -71.99 -24.23 -33.33
C GLY B 457 -72.93 -24.88 -34.31
N PRO B 458 -74.20 -25.10 -33.88
CA PRO B 458 -75.30 -25.61 -34.72
C PRO B 458 -75.48 -24.77 -35.97
N THR B 459 -75.59 -25.39 -37.16
CA THR B 459 -75.71 -24.63 -38.42
C THR B 459 -77.12 -24.18 -38.77
N GLU B 460 -78.13 -24.86 -38.23
CA GLU B 460 -79.49 -24.65 -38.67
C GLU B 460 -79.93 -23.43 -37.88
N GLU B 461 -80.73 -22.53 -38.50
CA GLU B 461 -81.19 -21.20 -37.98
C GLU B 461 -80.36 -19.96 -38.32
N ARG B 462 -79.12 -20.12 -38.79
CA ARG B 462 -78.10 -19.09 -38.55
C ARG B 462 -77.84 -18.05 -39.65
N LEU B 463 -78.50 -18.21 -40.80
CA LEU B 463 -78.18 -17.37 -41.96
C LEU B 463 -79.32 -16.53 -42.52
N ASP B 464 -79.11 -15.23 -42.56
CA ASP B 464 -80.03 -14.30 -43.20
C ASP B 464 -79.31 -13.69 -44.42
N ILE B 465 -79.26 -14.44 -45.52
CA ILE B 465 -78.49 -13.96 -46.66
C ILE B 465 -79.38 -13.87 -47.88
N LYS B 466 -79.88 -12.67 -48.15
CA LYS B 466 -80.89 -12.47 -49.20
C LYS B 466 -80.77 -11.12 -49.91
N HIS B 467 -81.32 -11.06 -51.12
CA HIS B 467 -81.46 -9.79 -51.82
C HIS B 467 -80.13 -9.12 -52.08
N ASN B 468 -79.11 -9.91 -52.26
CA ASN B 468 -77.85 -9.39 -52.78
C ASN B 468 -77.97 -9.57 -54.27
N ARG B 469 -76.86 -9.48 -54.99
CA ARG B 469 -76.91 -9.72 -56.41
C ARG B 469 -77.41 -11.14 -56.69
N PRO B 470 -78.25 -11.30 -57.73
CA PRO B 470 -78.76 -12.65 -57.96
C PRO B 470 -77.64 -13.56 -58.48
N ARG B 471 -77.62 -14.80 -58.02
CA ARG B 471 -76.55 -15.74 -58.31
C ARG B 471 -76.23 -15.81 -59.82
N ARG B 472 -77.31 -15.92 -60.59
CA ARG B 472 -77.30 -15.99 -62.06
C ARG B 472 -76.48 -14.86 -62.70
N ASP B 473 -76.73 -13.64 -62.23
CA ASP B 473 -76.01 -12.47 -62.71
C ASP B 473 -74.53 -12.64 -62.49
N CYS B 474 -74.19 -13.20 -61.33
CA CYS B 474 -72.80 -13.39 -60.95
C CYS B 474 -72.16 -14.41 -61.87
N VAL B 475 -72.84 -15.54 -62.05
CA VAL B 475 -72.40 -16.60 -62.97
C VAL B 475 -72.13 -16.10 -64.37
N ALA B 476 -73.05 -15.29 -64.88
CA ALA B 476 -72.98 -14.89 -66.28
C ALA B 476 -71.87 -13.86 -66.52
N GLU B 477 -71.43 -13.17 -65.48
CA GLU B 477 -70.35 -12.21 -65.65
C GLU B 477 -69.02 -12.83 -65.25
N GLY B 478 -69.05 -14.12 -64.93
CA GLY B 478 -67.86 -14.87 -64.55
C GLY B 478 -67.30 -14.49 -63.18
N LYS B 479 -68.23 -14.14 -62.28
CA LYS B 479 -67.87 -13.70 -60.95
C LYS B 479 -68.22 -14.82 -59.99
N VAL B 480 -67.46 -15.89 -60.17
CA VAL B 480 -67.55 -17.09 -59.37
C VAL B 480 -66.14 -17.42 -58.93
N CYS B 481 -66.03 -18.39 -58.03
CA CYS B 481 -64.75 -18.73 -57.44
C CYS B 481 -63.78 -19.22 -58.49
N ASP B 482 -62.50 -18.89 -58.29
CA ASP B 482 -61.39 -19.43 -59.07
C ASP B 482 -61.40 -20.96 -59.05
N PRO B 483 -61.04 -21.60 -60.16
CA PRO B 483 -61.02 -23.08 -60.17
C PRO B 483 -60.12 -23.73 -59.09
N LEU B 484 -59.02 -23.07 -58.69
CA LEU B 484 -58.13 -23.61 -57.66
C LEU B 484 -58.76 -23.71 -56.26
N CYS B 485 -59.80 -22.93 -56.00
CA CYS B 485 -60.53 -23.03 -54.73
C CYS B 485 -61.18 -24.38 -54.59
N SER B 486 -61.47 -24.76 -53.35
CA SER B 486 -62.17 -26.00 -53.11
C SER B 486 -63.64 -25.76 -53.23
N SER B 487 -64.42 -26.78 -52.87
CA SER B 487 -65.87 -26.70 -52.87
C SER B 487 -66.34 -25.71 -51.81
N GLY B 488 -65.42 -25.30 -50.95
CA GLY B 488 -65.69 -24.42 -49.83
C GLY B 488 -66.03 -22.99 -50.20
N GLY B 489 -65.48 -22.50 -51.30
CA GLY B 489 -65.81 -21.18 -51.81
C GLY B 489 -64.69 -20.15 -51.82
N CYS B 490 -65.05 -18.89 -52.09
CA CYS B 490 -64.08 -17.79 -52.07
C CYS B 490 -64.69 -16.54 -51.47
N TRP B 491 -63.83 -15.58 -51.13
CA TRP B 491 -64.25 -14.25 -50.65
C TRP B 491 -63.99 -13.24 -51.75
N GLY B 492 -63.90 -13.73 -52.98
CA GLY B 492 -63.63 -12.87 -54.11
C GLY B 492 -62.95 -13.64 -55.22
N PRO B 493 -62.60 -12.94 -56.29
CA PRO B 493 -61.96 -13.58 -57.43
C PRO B 493 -60.51 -13.95 -57.15
N GLY B 494 -59.94 -14.87 -57.92
CA GLY B 494 -58.53 -15.20 -57.86
C GLY B 494 -58.13 -16.18 -56.76
N PRO B 495 -56.94 -16.79 -56.92
CA PRO B 495 -56.40 -17.85 -56.05
C PRO B 495 -56.29 -17.45 -54.57
N GLY B 496 -55.91 -16.22 -54.30
CA GLY B 496 -55.73 -15.78 -52.92
C GLY B 496 -57.00 -15.26 -52.26
N GLN B 497 -58.17 -15.66 -52.74
CA GLN B 497 -59.41 -15.28 -52.05
C GLN B 497 -60.16 -16.53 -51.63
N CYS B 498 -59.53 -17.68 -51.83
CA CYS B 498 -60.15 -18.97 -51.60
C CYS B 498 -60.29 -19.22 -50.11
N LEU B 499 -61.26 -20.04 -49.70
CA LEU B 499 -61.32 -20.41 -48.30
C LEU B 499 -60.30 -21.52 -48.00
N SER B 500 -60.13 -22.43 -48.95
CA SER B 500 -59.10 -23.45 -48.91
C SER B 500 -58.80 -23.95 -50.33
N CYS B 501 -57.59 -24.45 -50.54
CA CYS B 501 -57.14 -24.77 -51.90
C CYS B 501 -57.48 -26.19 -52.31
N ARG B 502 -57.59 -26.44 -53.61
CA ARG B 502 -57.93 -27.76 -54.09
C ARG B 502 -56.74 -28.68 -53.79
N ASN B 503 -55.54 -28.22 -54.13
CA ASN B 503 -54.36 -28.91 -53.67
C ASN B 503 -53.49 -28.09 -52.73
N TYR B 504 -52.48 -27.49 -53.32
CA TYR B 504 -51.42 -26.80 -52.61
C TYR B 504 -51.64 -25.32 -52.57
N SER B 505 -50.92 -24.68 -51.66
CA SER B 505 -50.95 -23.25 -51.52
C SER B 505 -49.52 -22.84 -51.26
N ARG B 506 -49.13 -21.69 -51.78
CA ARG B 506 -47.81 -21.12 -51.53
C ARG B 506 -48.03 -19.66 -51.17
N GLY B 507 -47.66 -19.30 -49.96
CA GLY B 507 -47.83 -17.93 -49.50
C GLY B 507 -49.31 -17.62 -49.42
N GLY B 508 -50.08 -18.58 -48.94
CA GLY B 508 -51.52 -18.39 -48.84
C GLY B 508 -52.19 -18.11 -50.17
N VAL B 509 -51.54 -18.48 -51.26
CA VAL B 509 -52.13 -18.40 -52.61
C VAL B 509 -52.31 -19.80 -53.17
N CYS B 510 -53.53 -20.18 -53.55
CA CYS B 510 -53.72 -21.51 -54.10
C CYS B 510 -52.90 -21.68 -55.37
N VAL B 511 -52.38 -22.90 -55.55
CA VAL B 511 -51.52 -23.22 -56.68
C VAL B 511 -51.79 -24.62 -57.18
N THR B 512 -51.14 -24.95 -58.29
CA THR B 512 -51.36 -26.21 -58.96
C THR B 512 -50.39 -27.32 -58.54
N HIS B 513 -49.16 -26.94 -58.19
CA HIS B 513 -48.13 -27.92 -57.78
C HIS B 513 -47.02 -27.28 -56.94
N CYS B 514 -46.14 -28.09 -56.38
CA CYS B 514 -44.92 -27.57 -55.78
C CYS B 514 -43.76 -27.80 -56.74
N ASN B 515 -42.69 -27.03 -56.59
CA ASN B 515 -41.47 -27.24 -57.36
C ASN B 515 -40.68 -28.41 -56.80
N PHE B 516 -41.21 -29.61 -56.90
CA PHE B 516 -40.52 -30.78 -56.37
C PHE B 516 -39.30 -31.22 -57.19
N LEU B 517 -39.47 -31.40 -58.50
CA LEU B 517 -38.37 -31.98 -59.30
C LEU B 517 -37.81 -31.00 -60.32
N ASN B 518 -38.39 -29.81 -60.38
CA ASN B 518 -37.81 -28.74 -61.17
C ASN B 518 -38.50 -27.46 -60.77
N GLY B 519 -38.03 -26.34 -61.31
CA GLY B 519 -38.67 -25.09 -60.94
C GLY B 519 -37.84 -24.42 -59.85
N GLU B 520 -38.10 -23.14 -59.65
CA GLU B 520 -37.31 -22.35 -58.73
C GLU B 520 -38.24 -21.41 -57.96
N PRO B 521 -38.11 -21.37 -56.61
CA PRO B 521 -37.16 -22.07 -55.74
C PRO B 521 -37.60 -23.49 -55.49
N ARG B 522 -36.70 -24.42 -55.27
CA ARG B 522 -37.18 -25.78 -55.11
C ARG B 522 -37.79 -25.95 -53.73
N GLU B 523 -38.72 -26.88 -53.61
CA GLU B 523 -39.57 -26.93 -52.43
C GLU B 523 -39.91 -28.32 -51.96
N PHE B 524 -40.44 -28.37 -50.74
CA PHE B 524 -41.00 -29.59 -50.18
C PHE B 524 -42.39 -29.19 -49.73
N ALA B 525 -43.24 -30.17 -49.51
CA ALA B 525 -44.61 -29.88 -49.12
C ALA B 525 -44.81 -30.35 -47.71
N HIS B 526 -45.37 -29.48 -46.88
CA HIS B 526 -45.82 -29.89 -45.57
C HIS B 526 -47.31 -29.62 -45.47
N GLU B 527 -48.02 -30.67 -45.06
CA GLU B 527 -49.46 -30.67 -45.07
C GLU B 527 -49.90 -30.28 -46.48
N ALA B 528 -50.64 -29.20 -46.68
CA ALA B 528 -50.96 -28.89 -48.08
C ALA B 528 -50.32 -27.60 -48.54
N GLU B 529 -49.17 -27.28 -47.97
CA GLU B 529 -48.47 -26.05 -48.32
C GLU B 529 -47.07 -26.31 -48.90
N CYS B 530 -46.68 -25.48 -49.86
CA CYS B 530 -45.39 -25.57 -50.52
C CYS B 530 -44.45 -24.61 -49.81
N PHE B 531 -43.39 -25.14 -49.18
CA PHE B 531 -42.32 -24.31 -48.59
C PHE B 531 -41.02 -24.50 -49.31
N SER B 532 -40.19 -23.45 -49.36
CA SER B 532 -38.88 -23.53 -50.03
C SER B 532 -37.85 -24.38 -49.30
N CYS B 533 -36.93 -24.95 -50.05
CA CYS B 533 -35.84 -25.69 -49.41
C CYS B 533 -34.83 -24.70 -48.87
N HIS B 534 -33.92 -25.20 -48.05
CA HIS B 534 -32.93 -24.32 -47.47
C HIS B 534 -32.07 -23.74 -48.59
N PRO B 535 -31.63 -22.46 -48.44
CA PRO B 535 -30.88 -21.81 -49.53
C PRO B 535 -29.57 -22.53 -49.84
N GLU B 536 -29.10 -23.31 -48.88
CA GLU B 536 -27.84 -24.00 -49.02
C GLU B 536 -27.98 -25.40 -49.65
N CYS B 537 -29.20 -25.81 -50.04
CA CYS B 537 -29.33 -27.11 -50.70
C CYS B 537 -29.03 -26.93 -52.18
N GLN B 538 -28.48 -27.97 -52.81
CA GLN B 538 -28.20 -27.87 -54.23
C GLN B 538 -29.40 -28.34 -54.99
N PRO B 539 -29.85 -27.52 -55.93
CA PRO B 539 -31.01 -27.87 -56.74
C PRO B 539 -30.72 -29.16 -57.48
N MET B 540 -31.39 -30.25 -57.13
CA MET B 540 -31.22 -31.47 -57.92
C MET B 540 -32.18 -31.48 -59.09
N GLU B 541 -31.78 -32.16 -60.16
CA GLU B 541 -32.57 -32.20 -61.38
C GLU B 541 -33.39 -33.48 -61.42
N GLY B 542 -34.72 -33.33 -61.42
CA GLY B 542 -35.59 -34.48 -61.54
C GLY B 542 -35.65 -35.41 -60.33
N THR B 543 -35.07 -34.96 -59.23
CA THR B 543 -35.20 -35.64 -57.95
C THR B 543 -35.41 -34.59 -56.87
N ALA B 544 -36.05 -34.98 -55.77
CA ALA B 544 -36.34 -34.05 -54.68
C ALA B 544 -35.06 -33.45 -54.09
N THR B 545 -35.10 -32.15 -53.87
CA THR B 545 -33.97 -31.40 -53.34
C THR B 545 -33.83 -31.53 -51.83
N CYS B 546 -34.94 -31.77 -51.13
CA CYS B 546 -34.98 -31.82 -49.67
C CYS B 546 -36.24 -32.48 -49.11
N ASN B 547 -36.24 -32.97 -47.87
CA ASN B 547 -37.53 -33.40 -47.35
C ASN B 547 -38.14 -32.31 -46.49
N GLY B 548 -37.40 -31.24 -46.23
CA GLY B 548 -37.85 -30.29 -45.24
C GLY B 548 -37.07 -28.99 -45.24
N SER B 549 -37.41 -28.13 -44.30
CA SER B 549 -36.84 -26.79 -44.26
C SER B 549 -35.36 -26.74 -43.81
N GLY B 550 -34.95 -27.64 -42.92
CA GLY B 550 -33.60 -27.55 -42.39
C GLY B 550 -32.48 -27.97 -43.34
N SER B 551 -31.34 -27.29 -43.25
CA SER B 551 -30.14 -27.62 -44.02
C SER B 551 -29.61 -29.04 -43.80
N ASP B 552 -30.20 -29.78 -42.88
CA ASP B 552 -29.80 -31.17 -42.67
C ASP B 552 -30.79 -32.07 -43.36
N THR B 553 -31.56 -31.50 -44.28
CA THR B 553 -32.58 -32.24 -45.03
C THR B 553 -32.32 -32.17 -46.53
N CYS B 554 -31.27 -31.48 -46.94
CA CYS B 554 -30.97 -31.39 -48.37
C CYS B 554 -30.48 -32.69 -48.91
N ALA B 555 -30.67 -32.89 -50.21
CA ALA B 555 -30.12 -34.04 -50.88
C ALA B 555 -28.59 -33.93 -50.97
N GLN B 556 -28.12 -32.70 -51.10
CA GLN B 556 -26.76 -32.40 -51.46
C GLN B 556 -26.47 -30.94 -51.18
N CYS B 557 -25.36 -30.67 -50.51
CA CYS B 557 -25.05 -29.30 -50.21
C CYS B 557 -24.51 -28.59 -51.42
N ALA B 558 -24.97 -27.36 -51.58
CA ALA B 558 -24.23 -26.41 -52.35
C ALA B 558 -23.17 -25.98 -51.36
N HIS B 559 -21.99 -25.61 -51.85
CA HIS B 559 -20.96 -25.11 -50.95
C HIS B 559 -20.49 -26.16 -49.94
N PHE B 560 -20.55 -25.88 -48.64
CA PHE B 560 -19.79 -26.72 -47.73
C PHE B 560 -20.68 -27.54 -46.80
N ARG B 561 -20.18 -28.70 -46.41
CA ARG B 561 -20.91 -29.51 -45.45
C ARG B 561 -20.17 -29.47 -44.12
N ASP B 562 -20.94 -29.34 -43.04
CA ASP B 562 -20.40 -29.23 -41.68
C ASP B 562 -21.17 -30.27 -40.90
N GLY B 563 -20.57 -31.43 -40.68
CA GLY B 563 -21.33 -32.53 -40.10
C GLY B 563 -22.50 -32.81 -41.04
N PRO B 564 -23.72 -32.86 -40.50
CA PRO B 564 -24.93 -33.04 -41.27
C PRO B 564 -25.43 -31.79 -41.99
N HIS B 565 -24.91 -30.61 -41.64
CA HIS B 565 -25.51 -29.34 -42.08
C HIS B 565 -24.90 -28.73 -43.34
N CYS B 566 -25.74 -28.34 -44.29
CA CYS B 566 -25.20 -27.61 -45.41
C CYS B 566 -25.00 -26.15 -44.99
N VAL B 567 -23.76 -25.68 -45.08
CA VAL B 567 -23.45 -24.32 -44.69
C VAL B 567 -22.80 -23.57 -45.83
N SER B 568 -22.84 -22.24 -45.71
CA SER B 568 -22.33 -21.32 -46.72
C SER B 568 -20.83 -21.11 -46.63
N SER B 569 -20.31 -21.28 -45.42
CA SER B 569 -18.87 -21.26 -45.18
C SER B 569 -18.59 -21.88 -43.82
N CYS B 570 -17.46 -22.56 -43.71
CA CYS B 570 -17.12 -23.28 -42.49
C CYS B 570 -17.04 -22.37 -41.25
N PRO B 571 -17.20 -22.95 -40.05
CA PRO B 571 -17.09 -22.13 -38.84
C PRO B 571 -15.78 -21.35 -38.80
N HIS B 572 -15.85 -20.07 -38.49
CA HIS B 572 -14.63 -19.29 -38.31
C HIS B 572 -14.72 -18.38 -37.08
N GLY B 573 -14.47 -18.95 -35.90
CA GLY B 573 -14.51 -18.19 -34.66
C GLY B 573 -15.82 -18.20 -33.89
N VAL B 574 -16.67 -19.18 -34.16
CA VAL B 574 -17.94 -19.35 -33.48
C VAL B 574 -17.65 -19.89 -32.09
N LEU B 575 -18.26 -19.32 -31.06
CA LEU B 575 -17.95 -19.75 -29.68
C LEU B 575 -18.44 -21.09 -29.18
N GLY B 576 -17.51 -22.02 -28.98
CA GLY B 576 -17.86 -23.31 -28.43
C GLY B 576 -17.74 -23.22 -26.91
N ALA B 577 -17.63 -24.36 -26.26
CA ALA B 577 -17.63 -24.40 -24.80
C ALA B 577 -16.23 -24.08 -24.24
N LYS B 578 -15.19 -24.55 -24.93
CA LYS B 578 -13.82 -24.32 -24.51
C LYS B 578 -13.11 -23.40 -25.48
N GLY B 579 -13.74 -22.28 -25.80
CA GLY B 579 -13.09 -21.33 -26.69
C GLY B 579 -13.80 -21.24 -28.03
N PRO B 580 -13.16 -20.59 -29.00
CA PRO B 580 -13.77 -20.44 -30.34
C PRO B 580 -13.43 -21.61 -31.26
N ILE B 581 -14.39 -21.98 -32.11
CA ILE B 581 -14.21 -23.11 -33.02
C ILE B 581 -13.71 -22.56 -34.36
N TYR B 582 -12.80 -23.30 -34.99
CA TYR B 582 -12.27 -22.90 -36.29
C TYR B 582 -12.18 -24.09 -37.22
N LYS B 583 -12.75 -23.96 -38.42
CA LYS B 583 -12.70 -25.08 -39.36
C LYS B 583 -12.18 -24.67 -40.75
N TYR B 584 -11.96 -25.67 -41.61
CA TYR B 584 -11.54 -25.47 -42.99
C TYR B 584 -12.28 -26.42 -43.93
N PRO B 585 -12.45 -26.00 -45.19
CA PRO B 585 -13.03 -26.85 -46.23
C PRO B 585 -12.08 -27.93 -46.69
N ASP B 586 -12.54 -29.18 -46.66
CA ASP B 586 -11.84 -30.38 -47.10
C ASP B 586 -11.74 -30.49 -48.63
N VAL B 587 -11.02 -31.50 -49.09
CA VAL B 587 -11.03 -31.89 -50.51
C VAL B 587 -12.46 -32.11 -50.98
N GLN B 588 -13.24 -32.79 -50.14
CA GLN B 588 -14.63 -33.09 -50.44
C GLN B 588 -15.54 -31.96 -49.97
N ASN B 589 -14.93 -30.88 -49.50
CA ASN B 589 -15.62 -29.69 -48.99
C ASN B 589 -16.25 -29.87 -47.61
N GLU B 590 -15.92 -30.95 -46.90
CA GLU B 590 -16.48 -31.11 -45.56
C GLU B 590 -15.62 -30.39 -44.54
N CYS B 591 -16.25 -29.59 -43.69
CA CYS B 591 -15.49 -28.82 -42.73
C CYS B 591 -14.82 -29.73 -41.71
N ARG B 592 -13.52 -29.54 -41.56
CA ARG B 592 -12.79 -30.26 -40.51
C ARG B 592 -11.97 -29.28 -39.70
N PRO B 593 -11.56 -29.70 -38.49
CA PRO B 593 -11.05 -28.65 -37.58
C PRO B 593 -9.64 -28.18 -37.92
N CYS B 594 -9.27 -26.98 -37.48
CA CYS B 594 -7.93 -26.44 -37.67
C CYS B 594 -6.97 -27.11 -36.72
N HIS B 595 -5.66 -26.95 -36.96
CA HIS B 595 -4.65 -27.56 -36.10
C HIS B 595 -4.89 -27.15 -34.65
N GLU B 596 -4.66 -28.08 -33.72
CA GLU B 596 -4.86 -27.83 -32.30
C GLU B 596 -4.03 -26.64 -31.83
N ASN B 597 -2.94 -26.36 -32.54
CA ASN B 597 -2.07 -25.23 -32.22
C ASN B 597 -2.15 -24.07 -33.25
N CYS B 598 -3.36 -23.54 -33.47
CA CYS B 598 -3.60 -22.31 -34.27
C CYS B 598 -4.41 -21.28 -33.48
N THR B 599 -4.58 -20.10 -34.06
CA THR B 599 -5.39 -19.07 -33.42
C THR B 599 -6.49 -18.56 -34.36
N GLN B 600 -6.19 -17.56 -35.19
CA GLN B 600 -7.23 -16.97 -36.04
C GLN B 600 -7.53 -17.78 -37.31
N GLY B 601 -7.54 -19.10 -37.21
CA GLY B 601 -8.02 -19.94 -38.30
C GLY B 601 -6.97 -20.66 -39.11
N CYS B 602 -7.39 -21.14 -40.29
CA CYS B 602 -6.52 -21.90 -41.18
C CYS B 602 -7.10 -22.07 -42.57
N LYS B 603 -6.26 -22.55 -43.50
CA LYS B 603 -6.65 -22.85 -44.87
C LYS B 603 -6.44 -24.33 -45.16
N GLY B 604 -6.14 -25.10 -44.11
CA GLY B 604 -5.88 -26.52 -44.25
C GLY B 604 -5.49 -27.12 -42.90
N PRO B 605 -5.31 -28.45 -42.86
CA PRO B 605 -4.98 -29.15 -41.61
C PRO B 605 -3.56 -28.94 -41.13
N GLU B 606 -2.64 -28.58 -42.03
CA GLU B 606 -1.23 -28.55 -41.64
C GLU B 606 -0.94 -27.35 -40.74
N LEU B 607 0.12 -27.48 -39.95
CA LEU B 607 0.57 -26.42 -39.05
C LEU B 607 1.02 -25.17 -39.81
N GLN B 608 1.35 -25.34 -41.09
CA GLN B 608 1.86 -24.26 -41.92
C GLN B 608 0.67 -23.42 -42.37
N ASP B 609 -0.53 -23.98 -42.19
CA ASP B 609 -1.75 -23.45 -42.76
C ASP B 609 -2.48 -22.43 -41.88
N CYS B 610 -2.02 -22.26 -40.64
CA CYS B 610 -2.73 -21.44 -39.66
C CYS B 610 -2.69 -19.93 -39.93
N LEU B 611 -3.48 -19.19 -39.15
CA LEU B 611 -3.71 -17.76 -39.31
C LEU B 611 -3.94 -17.45 -40.78
#